data_2J0T
#
_entry.id   2J0T
#
_cell.length_a   158.098
_cell.length_b   67.850
_cell.length_c   86.241
_cell.angle_alpha   90.00
_cell.angle_beta   100.29
_cell.angle_gamma   90.00
#
_symmetry.space_group_name_H-M   'C 1 2 1'
#
loop_
_entity.id
_entity.type
_entity.pdbx_description
1 polymer 'INTERSTITIAL COLLAGENASE'
2 polymer 'METALLOPROTEINASE INHIBITOR 1'
3 non-polymer 'ZINC ION'
4 non-polymer 'CALCIUM ION'
5 water water
#
loop_
_entity_poly.entity_id
_entity_poly.type
_entity_poly.pdbx_seq_one_letter_code
_entity_poly.pdbx_strand_id
1 'polypeptide(L)'
;MVLTEGNPRWEQTHLTYRIENYTPDLPRADVDHAIEKAFQLWSNVTPLTFTKVSEGQADIMISFVRGDHRDNSPFDGPGG
NLAHAFQPGPGIGGDAHFDEDERWTNNFREYNLHRVAAHELGHSLGLSHSTDIGALMYPSYTFSGDVQLAQDDIDGIQAI
YGRSQNPVQP
;
A,B,C
2 'polypeptide(L)'
;CTCVPPHPQTAFCNSDLVIRAKFVGTPEVNQTTLYQRYEIKMTKMYKGFQALGDAADIRFVYTPAMESVCGYFHRSHNRS
EEFLIAGKLQDGLLHITTCSFVAPWNSLSLAQRRGFTKTYTVGCEE
;
D,E,F
#
# COMPACT_ATOMS: atom_id res chain seq x y z
N GLY A 6 -15.93 29.91 -57.83
CA GLY A 6 -14.57 29.32 -57.69
C GLY A 6 -14.57 28.03 -56.90
N ASN A 7 -14.02 26.98 -57.50
CA ASN A 7 -13.91 25.67 -56.85
C ASN A 7 -12.60 24.98 -57.23
N PRO A 8 -11.84 24.48 -56.22
CA PRO A 8 -10.49 23.94 -56.34
C PRO A 8 -10.09 23.43 -57.72
N ARG A 9 -9.28 24.22 -58.42
CA ARG A 9 -8.77 23.87 -59.74
C ARG A 9 -7.32 24.35 -59.88
N TRP A 10 -6.56 23.68 -60.74
CA TRP A 10 -5.18 24.09 -61.02
C TRP A 10 -5.15 25.34 -61.88
N GLU A 11 -4.45 26.37 -61.38
CA GLU A 11 -4.30 27.64 -62.10
C GLU A 11 -3.47 27.48 -63.37
N GLN A 12 -2.45 26.61 -63.29
CA GLN A 12 -1.63 26.27 -64.44
C GLN A 12 -2.25 25.11 -65.22
N THR A 13 -1.93 25.04 -66.52
CA THR A 13 -2.40 23.95 -67.37
C THR A 13 -1.34 22.86 -67.54
N HIS A 14 -0.09 23.20 -67.26
CA HIS A 14 1.01 22.25 -67.35
C HIS A 14 1.40 21.76 -65.95
N LEU A 15 1.11 20.49 -65.69
CA LEU A 15 1.31 19.92 -64.36
C LEU A 15 2.40 18.86 -64.30
N THR A 16 2.98 18.70 -63.12
CA THR A 16 4.03 17.71 -62.89
C THR A 16 3.58 16.65 -61.90
N TYR A 17 4.07 15.42 -62.07
CA TYR A 17 3.80 14.35 -61.12
C TYR A 17 5.02 13.50 -60.81
N ARG A 18 4.98 12.81 -59.67
CA ARG A 18 6.06 11.91 -59.26
C ARG A 18 5.51 10.68 -58.55
N ILE A 19 6.07 9.53 -58.89
CA ILE A 19 5.79 8.31 -58.16
C ILE A 19 6.84 8.17 -57.06
N GLU A 20 6.45 8.55 -55.84
CA GLU A 20 7.34 8.59 -54.67
C GLU A 20 7.97 7.23 -54.38
N ASN A 21 7.12 6.22 -54.21
CA ASN A 21 7.56 4.85 -54.00
C ASN A 21 6.72 3.89 -54.82
N TYR A 22 7.29 2.72 -55.12
CA TYR A 22 6.64 1.74 -55.98
C TYR A 22 6.12 0.54 -55.21
N THR A 23 4.96 0.05 -55.63
CA THR A 23 4.37 -1.14 -55.02
C THR A 23 5.09 -2.41 -55.49
N PRO A 24 5.32 -3.36 -54.54
CA PRO A 24 5.93 -4.66 -54.88
C PRO A 24 4.97 -5.61 -55.62
N ASP A 25 3.72 -5.19 -55.78
CA ASP A 25 2.70 -5.99 -56.46
C ASP A 25 2.92 -6.07 -57.96
N LEU A 26 3.51 -5.01 -58.52
CA LEU A 26 3.72 -4.86 -59.95
C LEU A 26 5.17 -4.45 -60.25
N PRO A 27 5.70 -4.88 -61.42
CA PRO A 27 6.97 -4.36 -61.90
C PRO A 27 6.89 -2.85 -62.13
N ARG A 28 8.03 -2.17 -61.95
CA ARG A 28 8.13 -0.72 -62.07
C ARG A 28 7.49 -0.18 -63.36
N ALA A 29 7.74 -0.87 -64.48
CA ALA A 29 7.21 -0.49 -65.79
C ALA A 29 5.69 -0.51 -65.86
N ASP A 30 5.06 -1.51 -65.23
CA ASP A 30 3.61 -1.63 -65.19
C ASP A 30 2.95 -0.54 -64.33
N VAL A 31 3.64 -0.11 -63.28
CA VAL A 31 3.19 1.00 -62.45
C VAL A 31 3.27 2.31 -63.26
N ASP A 32 4.41 2.53 -63.90
CA ASP A 32 4.62 3.70 -64.77
C ASP A 32 3.55 3.79 -65.86
N HIS A 33 3.21 2.64 -66.44
CA HIS A 33 2.22 2.55 -67.52
C HIS A 33 0.80 2.84 -67.03
N ALA A 34 0.46 2.29 -65.87
CA ALA A 34 -0.86 2.51 -65.27
C ALA A 34 -1.10 3.99 -65.01
N ILE A 35 -0.10 4.65 -64.44
CA ILE A 35 -0.16 6.07 -64.11
C ILE A 35 -0.20 6.97 -65.35
N GLU A 36 0.67 6.68 -66.32
CA GLU A 36 0.76 7.48 -67.56
C GLU A 36 -0.54 7.43 -68.35
N LYS A 37 -1.06 6.22 -68.56
CA LYS A 37 -2.31 6.00 -69.30
C LYS A 37 -3.53 6.60 -68.58
N ALA A 38 -3.45 6.70 -67.26
CA ALA A 38 -4.50 7.33 -66.46
C ALA A 38 -4.53 8.84 -66.71
N PHE A 39 -3.34 9.45 -66.67
CA PHE A 39 -3.18 10.86 -67.00
C PHE A 39 -3.58 11.15 -68.44
N GLN A 40 -3.29 10.21 -69.34
CA GLN A 40 -3.61 10.32 -70.76
C GLN A 40 -5.11 10.51 -71.01
N LEU A 41 -5.94 9.77 -70.26
CA LEU A 41 -7.39 9.87 -70.40
C LEU A 41 -7.91 11.29 -70.18
N TRP A 42 -7.31 11.99 -69.21
CA TRP A 42 -7.73 13.35 -68.86
C TRP A 42 -7.16 14.41 -69.80
N SER A 43 -5.90 14.23 -70.21
CA SER A 43 -5.27 15.14 -71.16
C SER A 43 -5.87 15.05 -72.58
N ASN A 44 -6.50 13.92 -72.88
CA ASN A 44 -7.15 13.70 -74.18
C ASN A 44 -8.31 14.66 -74.48
N VAL A 45 -9.00 15.10 -73.42
CA VAL A 45 -10.20 15.91 -73.57
C VAL A 45 -10.04 17.34 -73.00
N THR A 46 -8.84 17.68 -72.56
CA THR A 46 -8.55 19.00 -71.98
C THR A 46 -7.26 19.59 -72.56
N PRO A 47 -6.99 20.89 -72.30
CA PRO A 47 -5.70 21.45 -72.68
C PRO A 47 -4.63 21.19 -71.61
N LEU A 48 -4.84 20.14 -70.82
CA LEU A 48 -4.01 19.82 -69.66
C LEU A 48 -2.83 18.94 -70.07
N THR A 49 -1.65 19.25 -69.51
CA THR A 49 -0.43 18.51 -69.83
C THR A 49 0.23 17.97 -68.57
N PHE A 50 0.84 16.79 -68.66
CA PHE A 50 1.47 16.14 -67.52
C PHE A 50 2.91 15.67 -67.80
N THR A 51 3.78 15.87 -66.81
CA THR A 51 5.19 15.47 -66.94
C THR A 51 5.68 14.73 -65.71
N LYS A 52 6.16 13.50 -65.93
CA LYS A 52 6.73 12.69 -64.86
C LYS A 52 8.12 13.18 -64.46
N VAL A 53 8.31 13.43 -63.17
CA VAL A 53 9.62 13.72 -62.60
C VAL A 53 9.99 12.65 -61.59
N SER A 54 11.29 12.43 -61.39
CA SER A 54 11.79 11.42 -60.47
C SER A 54 12.57 12.01 -59.29
N GLU A 55 12.81 13.33 -59.35
CA GLU A 55 13.54 14.04 -58.30
C GLU A 55 12.81 15.32 -57.90
N GLY A 56 12.96 15.73 -56.64
CA GLY A 56 12.31 16.92 -56.11
C GLY A 56 10.81 16.78 -56.00
N GLN A 57 10.14 17.87 -55.60
CA GLN A 57 8.70 17.86 -55.39
C GLN A 57 7.94 18.16 -56.68
N ALA A 58 6.77 17.54 -56.80
CA ALA A 58 5.91 17.72 -57.97
C ALA A 58 4.52 18.21 -57.55
N ASP A 59 3.69 18.56 -58.53
CA ASP A 59 2.32 18.99 -58.25
C ASP A 59 1.48 17.85 -57.70
N ILE A 60 1.52 16.71 -58.37
CA ILE A 60 0.78 15.52 -57.96
C ILE A 60 1.74 14.44 -57.47
N MET A 61 1.77 14.22 -56.16
CA MET A 61 2.61 13.17 -55.57
C MET A 61 1.84 11.86 -55.46
N ILE A 62 2.39 10.80 -56.03
CA ILE A 62 1.77 9.48 -56.03
C ILE A 62 2.56 8.54 -55.13
N SER A 63 1.88 7.82 -54.26
CA SER A 63 2.53 6.92 -53.32
C SER A 63 1.67 5.72 -52.94
N PHE A 64 2.35 4.66 -52.49
CA PHE A 64 1.70 3.45 -51.99
C PHE A 64 2.02 3.31 -50.51
N VAL A 65 0.96 3.33 -49.70
CA VAL A 65 1.09 3.43 -48.25
C VAL A 65 0.03 2.57 -47.56
N ARG A 66 0.27 2.23 -46.30
CA ARG A 66 -0.71 1.46 -45.51
C ARG A 66 -0.99 2.07 -44.14
N GLY A 67 -2.20 1.83 -43.64
CA GLY A 67 -2.63 2.32 -42.33
C GLY A 67 -2.46 3.83 -42.18
N ASP A 68 -1.92 4.24 -41.03
CA ASP A 68 -1.62 5.65 -40.77
C ASP A 68 -0.39 6.06 -41.55
N HIS A 69 -0.58 6.98 -42.48
CA HIS A 69 0.51 7.47 -43.32
C HIS A 69 0.63 9.01 -43.29
N ARG A 70 0.24 9.58 -42.15
CA ARG A 70 0.52 10.97 -41.79
C ARG A 70 -0.24 12.04 -42.61
N ASP A 71 -1.44 11.72 -43.07
CA ASP A 71 -2.25 12.67 -43.82
C ASP A 71 -3.65 12.91 -43.23
N ASN A 72 -3.87 12.40 -42.01
CA ASN A 72 -5.15 12.51 -41.31
C ASN A 72 -6.29 11.67 -41.89
N SER A 73 -5.95 10.79 -42.82
CA SER A 73 -6.92 9.84 -43.38
C SER A 73 -6.27 8.46 -43.56
N PRO A 74 -6.13 7.70 -42.45
CA PRO A 74 -5.45 6.40 -42.50
C PRO A 74 -6.20 5.36 -43.33
N PHE A 75 -5.45 4.43 -43.91
CA PHE A 75 -6.06 3.30 -44.62
C PHE A 75 -6.56 2.23 -43.65
N ASP A 76 -7.33 1.27 -44.18
CA ASP A 76 -8.11 0.35 -43.37
C ASP A 76 -7.72 -1.12 -43.55
N GLY A 77 -6.51 -1.38 -44.03
CA GLY A 77 -6.05 -2.73 -44.33
C GLY A 77 -6.65 -3.25 -45.63
N PRO A 78 -6.55 -4.57 -45.89
CA PRO A 78 -7.09 -5.15 -47.12
C PRO A 78 -8.60 -4.94 -47.23
N GLY A 79 -9.06 -4.59 -48.43
CA GLY A 79 -10.48 -4.30 -48.68
C GLY A 79 -10.86 -2.88 -48.32
N GLY A 80 -12.17 -2.63 -48.28
CA GLY A 80 -12.71 -1.31 -47.96
C GLY A 80 -12.16 -0.20 -48.83
N ASN A 81 -11.53 0.78 -48.19
CA ASN A 81 -10.86 1.88 -48.89
C ASN A 81 -9.65 1.38 -49.66
N LEU A 82 -9.67 1.54 -50.98
CA LEU A 82 -8.58 1.07 -51.83
C LEU A 82 -7.56 2.17 -52.08
N ALA A 83 -8.03 3.41 -52.18
CA ALA A 83 -7.20 4.56 -52.50
C ALA A 83 -7.99 5.84 -52.30
N HIS A 84 -7.26 6.95 -52.17
CA HIS A 84 -7.87 8.28 -52.11
C HIS A 84 -6.93 9.33 -52.67
N ALA A 85 -7.42 10.56 -52.77
CA ALA A 85 -6.67 11.66 -53.34
C ALA A 85 -7.14 13.01 -52.78
N PHE A 86 -6.44 14.07 -53.14
CA PHE A 86 -6.74 15.40 -52.64
C PHE A 86 -7.00 16.39 -53.77
N GLN A 87 -7.97 17.27 -53.57
CA GLN A 87 -8.32 18.32 -54.52
C GLN A 87 -7.12 19.24 -54.81
N PRO A 88 -7.11 19.91 -55.98
CA PRO A 88 -6.05 20.86 -56.33
C PRO A 88 -5.69 21.84 -55.22
N GLY A 89 -4.38 22.07 -55.04
CA GLY A 89 -3.87 22.97 -54.02
C GLY A 89 -2.39 22.75 -53.76
N PRO A 90 -1.77 23.63 -52.95
CA PRO A 90 -0.37 23.46 -52.58
C PRO A 90 -0.16 22.28 -51.63
N GLY A 91 1.10 21.85 -51.47
CA GLY A 91 1.45 20.78 -50.56
C GLY A 91 0.79 19.45 -50.90
N ILE A 92 -0.08 18.99 -50.01
CA ILE A 92 -0.76 17.70 -50.18
C ILE A 92 -1.82 17.72 -51.30
N GLY A 93 -2.28 18.91 -51.66
CA GLY A 93 -3.25 19.06 -52.74
C GLY A 93 -2.79 18.43 -54.03
N GLY A 94 -3.67 17.67 -54.67
CA GLY A 94 -3.33 16.97 -55.91
C GLY A 94 -2.76 15.58 -55.73
N ASP A 95 -2.18 15.31 -54.56
CA ASP A 95 -1.56 14.02 -54.27
C ASP A 95 -2.58 12.87 -54.29
N ALA A 96 -2.12 11.71 -54.75
CA ALA A 96 -2.95 10.50 -54.76
C ALA A 96 -2.26 9.38 -53.99
N HIS A 97 -3.00 8.75 -53.08
CA HIS A 97 -2.48 7.68 -52.24
C HIS A 97 -3.20 6.38 -52.54
N PHE A 98 -2.44 5.29 -52.62
CA PHE A 98 -2.99 3.96 -52.87
C PHE A 98 -2.65 3.03 -51.72
N ASP A 99 -3.65 2.30 -51.23
CA ASP A 99 -3.45 1.38 -50.12
C ASP A 99 -2.58 0.20 -50.55
N GLU A 100 -1.47 0.01 -49.84
CA GLU A 100 -0.52 -1.05 -50.16
C GLU A 100 -1.00 -2.42 -49.70
N ASP A 101 -1.90 -2.45 -48.72
CA ASP A 101 -2.50 -3.70 -48.25
C ASP A 101 -3.38 -4.35 -49.33
N GLU A 102 -3.76 -3.55 -50.31
CA GLU A 102 -4.42 -4.05 -51.52
C GLU A 102 -3.41 -4.74 -52.44
N ARG A 103 -3.89 -5.72 -53.20
CA ARG A 103 -3.08 -6.35 -54.24
C ARG A 103 -3.35 -5.64 -55.57
N TRP A 104 -2.32 -5.00 -56.10
CA TRP A 104 -2.46 -4.19 -57.32
C TRP A 104 -2.09 -4.96 -58.57
N THR A 105 -2.89 -4.78 -59.62
CA THR A 105 -2.77 -5.56 -60.85
C THR A 105 -2.82 -4.68 -62.10
N ASN A 106 -2.40 -5.24 -63.23
CA ASN A 106 -2.59 -4.60 -64.54
C ASN A 106 -3.50 -5.45 -65.44
N ASN A 107 -4.40 -6.20 -64.82
CA ASN A 107 -5.33 -7.09 -65.53
C ASN A 107 -6.67 -7.22 -64.81
N PHE A 108 -7.41 -8.28 -65.11
CA PHE A 108 -8.74 -8.52 -64.52
C PHE A 108 -8.70 -8.86 -63.04
N ARG A 109 -7.57 -9.39 -62.57
CA ARG A 109 -7.40 -9.79 -61.17
C ARG A 109 -7.72 -8.61 -60.26
N GLU A 110 -8.53 -8.86 -59.23
CA GLU A 110 -9.13 -7.77 -58.45
C GLU A 110 -8.15 -6.68 -58.05
N TYR A 111 -8.57 -5.46 -58.37
CA TYR A 111 -7.91 -4.20 -58.03
C TYR A 111 -6.82 -3.78 -59.04
N ASN A 112 -7.32 -3.38 -60.21
CA ASN A 112 -6.52 -2.87 -61.31
C ASN A 112 -6.06 -1.44 -60.99
N LEU A 113 -4.74 -1.27 -60.93
CA LEU A 113 -4.13 0.02 -60.56
C LEU A 113 -4.54 1.17 -61.47
N HIS A 114 -4.49 0.92 -62.77
CA HIS A 114 -4.82 1.93 -63.78
C HIS A 114 -6.25 2.45 -63.63
N ARG A 115 -7.19 1.54 -63.41
CA ARG A 115 -8.59 1.87 -63.22
C ARG A 115 -8.80 2.79 -62.01
N VAL A 116 -8.17 2.44 -60.90
CA VAL A 116 -8.28 3.21 -59.66
C VAL A 116 -7.55 4.55 -59.79
N ALA A 117 -6.35 4.52 -60.37
CA ALA A 117 -5.53 5.73 -60.54
C ALA A 117 -6.25 6.76 -61.39
N ALA A 118 -6.88 6.30 -62.47
CA ALA A 118 -7.69 7.13 -63.35
C ALA A 118 -8.76 7.90 -62.56
N HIS A 119 -9.40 7.20 -61.63
CA HIS A 119 -10.38 7.79 -60.73
C HIS A 119 -9.74 8.81 -59.79
N GLU A 120 -8.71 8.38 -59.07
CA GLU A 120 -8.06 9.24 -58.06
C GLU A 120 -7.38 10.49 -58.67
N LEU A 121 -6.85 10.35 -59.88
CA LEU A 121 -6.27 11.48 -60.60
C LEU A 121 -7.35 12.45 -61.05
N GLY A 122 -8.57 11.93 -61.26
CA GLY A 122 -9.74 12.77 -61.51
C GLY A 122 -9.99 13.73 -60.36
N HIS A 123 -9.80 13.24 -59.14
CA HIS A 123 -9.88 14.08 -57.95
C HIS A 123 -8.75 15.09 -57.92
N SER A 124 -7.54 14.63 -58.27
CA SER A 124 -6.34 15.46 -58.32
C SER A 124 -6.54 16.69 -59.19
N LEU A 125 -7.43 16.59 -60.17
CA LEU A 125 -7.70 17.68 -61.11
C LEU A 125 -8.92 18.53 -60.70
N GLY A 126 -9.72 18.02 -59.76
CA GLY A 126 -10.79 18.81 -59.16
C GLY A 126 -12.20 18.32 -59.35
N LEU A 127 -12.34 17.01 -59.61
CA LEU A 127 -13.66 16.41 -59.83
C LEU A 127 -14.21 15.77 -58.57
N SER A 128 -15.54 15.80 -58.45
CA SER A 128 -16.25 15.10 -57.38
C SER A 128 -16.62 13.70 -57.85
N HIS A 129 -17.30 12.94 -56.99
CA HIS A 129 -17.83 11.63 -57.35
C HIS A 129 -19.05 11.73 -58.27
N SER A 130 -19.18 10.75 -59.16
CA SER A 130 -20.34 10.61 -60.03
C SER A 130 -21.28 9.55 -59.47
N THR A 131 -22.57 9.69 -59.73
CA THR A 131 -23.57 8.71 -59.32
C THR A 131 -23.84 7.68 -60.43
N ASP A 132 -23.34 7.98 -61.63
CA ASP A 132 -23.45 7.08 -62.78
C ASP A 132 -22.61 5.83 -62.56
N ILE A 133 -23.28 4.67 -62.60
CA ILE A 133 -22.65 3.38 -62.30
C ILE A 133 -21.47 3.04 -63.22
N GLY A 134 -21.54 3.49 -64.48
CA GLY A 134 -20.49 3.24 -65.47
C GLY A 134 -19.49 4.36 -65.65
N ALA A 135 -19.52 5.34 -64.76
CA ALA A 135 -18.61 6.48 -64.84
C ALA A 135 -17.33 6.21 -64.04
N LEU A 136 -16.21 6.70 -64.57
CA LEU A 136 -14.91 6.52 -63.93
C LEU A 136 -14.88 7.12 -62.54
N MET A 137 -15.60 8.23 -62.37
CA MET A 137 -15.64 8.94 -61.09
C MET A 137 -16.67 8.35 -60.11
N TYR A 138 -17.17 7.15 -60.40
CA TYR A 138 -18.03 6.43 -59.46
C TYR A 138 -17.16 5.87 -58.33
N PRO A 139 -17.56 6.12 -57.07
CA PRO A 139 -16.72 5.80 -55.91
C PRO A 139 -16.45 4.31 -55.68
N SER A 140 -17.36 3.44 -56.12
CA SER A 140 -17.17 2.01 -55.97
C SER A 140 -16.26 1.45 -57.06
N TYR A 141 -15.45 0.46 -56.68
CA TYR A 141 -14.54 -0.18 -57.63
C TYR A 141 -15.32 -0.95 -58.70
N THR A 142 -15.06 -0.60 -59.96
CA THR A 142 -15.67 -1.26 -61.11
C THR A 142 -14.59 -1.52 -62.16
N PHE A 143 -14.66 -2.68 -62.82
CA PHE A 143 -13.71 -3.01 -63.87
C PHE A 143 -14.36 -3.87 -64.95
N SER A 144 -14.28 -3.40 -66.19
CA SER A 144 -14.87 -4.10 -67.32
C SER A 144 -13.91 -4.19 -68.51
N GLY A 145 -12.63 -4.41 -68.21
CA GLY A 145 -11.60 -4.54 -69.24
C GLY A 145 -10.98 -3.20 -69.56
N ASP A 146 -11.43 -2.59 -70.65
CA ASP A 146 -10.98 -1.24 -71.01
C ASP A 146 -11.61 -0.20 -70.10
N VAL A 147 -10.76 0.69 -69.59
CA VAL A 147 -11.21 1.83 -68.80
C VAL A 147 -11.17 3.10 -69.66
N GLN A 148 -12.34 3.72 -69.81
CA GLN A 148 -12.50 4.91 -70.63
C GLN A 148 -13.39 5.91 -69.93
N LEU A 149 -13.28 7.18 -70.32
CA LEU A 149 -14.13 8.23 -69.76
C LEU A 149 -15.55 8.13 -70.27
N ALA A 150 -16.50 8.07 -69.34
CA ALA A 150 -17.91 8.20 -69.67
C ALA A 150 -18.22 9.68 -69.91
N GLN A 151 -19.32 9.96 -70.60
CA GLN A 151 -19.67 11.35 -70.93
C GLN A 151 -19.75 12.25 -69.68
N ASP A 152 -20.18 11.68 -68.56
CA ASP A 152 -20.21 12.40 -67.28
C ASP A 152 -18.82 12.85 -66.83
N ASP A 153 -17.82 11.99 -67.06
CA ASP A 153 -16.44 12.31 -66.73
C ASP A 153 -15.92 13.44 -67.64
N ILE A 154 -16.21 13.32 -68.93
CA ILE A 154 -15.80 14.28 -69.94
C ILE A 154 -16.39 15.67 -69.67
N ASP A 155 -17.71 15.71 -69.45
CA ASP A 155 -18.42 16.97 -69.17
C ASP A 155 -17.96 17.62 -67.88
N GLY A 156 -17.60 16.79 -66.89
CA GLY A 156 -17.14 17.28 -65.59
C GLY A 156 -15.82 18.00 -65.68
N ILE A 157 -14.85 17.38 -66.34
CA ILE A 157 -13.49 17.91 -66.46
C ILE A 157 -13.40 19.09 -67.45
N GLN A 158 -14.24 19.04 -68.48
CA GLN A 158 -14.31 20.13 -69.47
C GLN A 158 -15.02 21.36 -68.91
N ALA A 159 -15.87 21.15 -67.92
CA ALA A 159 -16.55 22.25 -67.23
C ALA A 159 -15.57 23.05 -66.36
N ILE A 160 -14.40 22.47 -66.12
CA ILE A 160 -13.34 23.11 -65.34
C ILE A 160 -12.25 23.69 -66.24
N TYR A 161 -11.64 22.84 -67.07
CA TYR A 161 -10.45 23.21 -67.84
C TYR A 161 -10.71 23.47 -69.32
N GLY A 162 -11.87 23.04 -69.81
CA GLY A 162 -12.23 23.26 -71.22
C GLY A 162 -11.95 22.05 -72.10
N ARG A 163 -12.17 22.23 -73.40
CA ARG A 163 -11.96 21.16 -74.38
C ARG A 163 -10.48 21.01 -74.74
N SER A 164 -10.15 19.90 -75.39
CA SER A 164 -8.81 19.66 -75.92
C SER A 164 -8.49 20.58 -77.10
N GLN A 165 -7.20 20.80 -77.33
CA GLN A 165 -6.72 21.67 -78.41
C GLN A 165 -6.95 21.10 -79.79
N ASN A 166 -6.42 19.90 -80.03
CA ASN A 166 -6.52 19.19 -81.32
C ASN A 166 -6.59 20.09 -82.56
N GLY B 6 9.64 15.32 43.70
CA GLY B 6 9.53 15.16 45.19
C GLY B 6 10.37 14.00 45.71
N ASN B 7 10.26 12.85 45.06
CA ASN B 7 10.98 11.64 45.43
C ASN B 7 12.50 11.76 45.22
N PRO B 8 13.30 11.00 46.00
CA PRO B 8 14.76 11.04 45.89
C PRO B 8 15.26 10.66 44.49
N ARG B 9 16.19 11.45 43.97
CA ARG B 9 16.78 11.19 42.65
C ARG B 9 18.25 11.62 42.60
N TRP B 10 19.01 10.97 41.72
CA TRP B 10 20.38 11.37 41.46
C TRP B 10 20.41 12.65 40.63
N GLU B 11 21.07 13.68 41.14
CA GLU B 11 21.21 14.95 40.43
C GLU B 11 22.19 14.80 39.27
N GLN B 12 23.18 13.93 39.45
CA GLN B 12 24.11 13.57 38.38
C GLN B 12 23.48 12.51 37.47
N THR B 13 23.78 12.60 36.18
CA THR B 13 23.25 11.66 35.20
C THR B 13 24.19 10.46 35.07
N HIS B 14 25.49 10.73 35.15
CA HIS B 14 26.51 9.69 35.11
C HIS B 14 26.74 9.14 36.52
N LEU B 15 26.61 7.83 36.66
CA LEU B 15 26.77 7.17 37.96
C LEU B 15 27.84 6.08 37.93
N THR B 16 28.55 5.94 39.05
CA THR B 16 29.54 4.89 39.21
C THR B 16 29.00 3.80 40.13
N TYR B 17 29.53 2.60 39.98
CA TYR B 17 29.22 1.50 40.90
C TYR B 17 30.41 0.57 41.14
N ARG B 18 30.49 0.02 42.35
CA ARG B 18 31.52 -0.95 42.71
C ARG B 18 30.91 -2.22 43.30
N ILE B 19 31.54 -3.35 42.99
CA ILE B 19 31.19 -4.62 43.60
C ILE B 19 32.24 -4.92 44.69
N GLU B 20 31.91 -4.54 45.92
CA GLU B 20 32.81 -4.65 47.08
C GLU B 20 33.42 -6.04 47.28
N ASN B 21 32.56 -7.05 47.19
CA ASN B 21 32.98 -8.44 47.31
C ASN B 21 32.11 -9.35 46.46
N TYR B 22 32.62 -10.55 46.15
CA TYR B 22 31.95 -11.47 45.25
C TYR B 22 31.45 -12.71 45.97
N THR B 23 30.23 -13.12 45.61
CA THR B 23 29.65 -14.36 46.12
C THR B 23 30.37 -15.58 45.53
N PRO B 24 30.66 -16.60 46.38
CA PRO B 24 31.30 -17.83 45.89
C PRO B 24 30.35 -18.73 45.09
N ASP B 25 29.06 -18.38 45.07
CA ASP B 25 28.04 -19.15 44.34
C ASP B 25 28.29 -19.17 42.84
N LEU B 26 28.69 -18.01 42.31
CA LEU B 26 28.90 -17.81 40.88
C LEU B 26 30.32 -17.32 40.61
N PRO B 27 30.88 -17.65 39.42
CA PRO B 27 32.16 -17.09 39.02
C PRO B 27 32.12 -15.56 38.94
N ARG B 28 33.29 -14.93 39.05
CA ARG B 28 33.41 -13.47 39.04
C ARG B 28 32.77 -12.85 37.80
N ALA B 29 32.95 -13.50 36.65
CA ALA B 29 32.41 -13.02 35.37
C ALA B 29 30.89 -13.01 35.31
N ASP B 30 30.26 -14.05 35.86
CA ASP B 30 28.79 -14.16 35.88
C ASP B 30 28.16 -13.11 36.78
N VAL B 31 28.81 -12.83 37.91
CA VAL B 31 28.37 -11.77 38.82
C VAL B 31 28.49 -10.41 38.12
N ASP B 32 29.62 -10.20 37.44
CA ASP B 32 29.84 -9.00 36.63
C ASP B 32 28.78 -8.83 35.55
N HIS B 33 28.49 -9.91 34.82
CA HIS B 33 27.51 -9.89 33.73
C HIS B 33 26.07 -9.65 34.22
N ALA B 34 25.71 -10.27 35.35
CA ALA B 34 24.39 -10.12 35.94
C ALA B 34 24.14 -8.67 36.39
N ILE B 35 25.15 -8.08 37.02
CA ILE B 35 25.08 -6.69 37.47
C ILE B 35 25.05 -5.70 36.30
N GLU B 36 25.95 -5.90 35.33
CA GLU B 36 26.06 -5.04 34.15
C GLU B 36 24.76 -4.99 33.33
N LYS B 37 24.21 -6.17 33.02
CA LYS B 37 22.97 -6.27 32.25
C LYS B 37 21.75 -5.71 32.99
N ALA B 38 21.79 -5.76 34.32
CA ALA B 38 20.74 -5.18 35.16
C ALA B 38 20.74 -3.66 35.03
N PHE B 39 21.94 -3.08 35.05
CA PHE B 39 22.10 -1.64 34.81
C PHE B 39 21.69 -1.26 33.39
N GLN B 40 22.00 -2.13 32.43
CA GLN B 40 21.73 -1.88 31.01
C GLN B 40 20.24 -1.69 30.71
N LEU B 41 19.40 -2.49 31.37
CA LEU B 41 17.95 -2.40 31.18
C LEU B 41 17.42 -1.01 31.51
N TRP B 42 17.95 -0.43 32.60
CA TRP B 42 17.56 0.91 33.04
C TRP B 42 18.14 2.00 32.16
N SER B 43 19.40 1.84 31.76
CA SER B 43 20.08 2.81 30.91
C SER B 43 19.54 2.82 29.46
N ASN B 44 18.81 1.75 29.10
CA ASN B 44 18.17 1.65 27.79
C ASN B 44 17.07 2.69 27.55
N VAL B 45 16.38 3.07 28.62
CA VAL B 45 15.23 3.97 28.52
C VAL B 45 15.42 5.31 29.27
N THR B 46 16.63 5.54 29.76
CA THR B 46 16.97 6.78 30.47
C THR B 46 18.32 7.33 29.99
N PRO B 47 18.56 8.64 30.18
CA PRO B 47 19.88 9.20 29.86
C PRO B 47 20.97 8.79 30.87
N LEU B 48 20.63 7.91 31.82
CA LEU B 48 21.56 7.42 32.84
C LEU B 48 22.65 6.53 32.27
N THR B 49 23.89 6.75 32.71
CA THR B 49 25.03 5.91 32.33
C THR B 49 25.68 5.32 33.58
N PHE B 50 26.23 4.12 33.44
CA PHE B 50 26.83 3.41 34.57
C PHE B 50 28.23 2.90 34.26
N THR B 51 29.19 3.27 35.11
CA THR B 51 30.58 2.83 34.97
C THR B 51 31.00 2.00 36.19
N LYS B 52 31.50 0.80 35.93
CA LYS B 52 32.02 -0.07 36.97
C LYS B 52 33.41 0.40 37.39
N VAL B 53 33.58 0.60 38.71
CA VAL B 53 34.89 0.93 39.28
C VAL B 53 35.31 -0.14 40.28
N SER B 54 36.62 -0.34 40.38
CA SER B 54 37.18 -1.40 41.22
C SER B 54 37.94 -0.86 42.44
N GLU B 55 38.14 0.46 42.47
CA GLU B 55 38.86 1.13 43.56
C GLU B 55 38.08 2.32 44.09
N GLY B 56 38.25 2.59 45.38
CA GLY B 56 37.62 3.75 46.02
C GLY B 56 36.11 3.61 46.21
N GLN B 57 35.47 4.72 46.59
CA GLN B 57 34.03 4.71 46.82
C GLN B 57 33.25 5.06 45.56
N ALA B 58 32.12 4.38 45.38
CA ALA B 58 31.23 4.62 44.25
C ALA B 58 29.86 5.09 44.73
N ASP B 59 29.04 5.55 43.80
CA ASP B 59 27.67 5.95 44.09
C ASP B 59 26.86 4.76 44.60
N ILE B 60 26.90 3.67 43.84
CA ILE B 60 26.18 2.44 44.17
C ILE B 60 27.17 1.34 44.58
N MET B 61 27.18 1.00 45.86
CA MET B 61 28.05 -0.07 46.36
C MET B 61 27.25 -1.38 46.42
N ILE B 62 27.83 -2.43 45.86
CA ILE B 62 27.19 -3.74 45.81
C ILE B 62 28.00 -4.75 46.63
N SER B 63 27.30 -5.46 47.52
CA SER B 63 27.95 -6.45 48.37
C SER B 63 27.09 -7.69 48.59
N PHE B 64 27.75 -8.75 49.06
CA PHE B 64 27.09 -10.00 49.40
C PHE B 64 27.43 -10.32 50.85
N VAL B 65 26.41 -10.21 51.71
CA VAL B 65 26.61 -10.24 53.15
C VAL B 65 25.55 -11.10 53.86
N ARG B 66 25.82 -11.52 55.09
CA ARG B 66 24.88 -12.33 55.87
C ARG B 66 24.58 -11.73 57.25
N GLY B 67 23.34 -11.90 57.69
CA GLY B 67 22.87 -11.43 59.01
C GLY B 67 23.12 -9.96 59.22
N ASP B 68 23.67 -9.62 60.40
CA ASP B 68 24.06 -8.25 60.71
C ASP B 68 25.28 -7.85 59.88
N HIS B 69 25.12 -6.79 59.10
CA HIS B 69 26.20 -6.26 58.27
C HIS B 69 26.33 -4.74 58.38
N ARG B 70 25.97 -4.21 59.55
CA ARG B 70 26.25 -2.83 59.95
C ARG B 70 25.44 -1.74 59.26
N ASP B 71 24.29 -2.09 58.68
CA ASP B 71 23.42 -1.10 58.04
C ASP B 71 22.07 -0.95 58.73
N ASN B 72 21.95 -1.55 59.92
CA ASN B 72 20.71 -1.56 60.72
C ASN B 72 19.55 -2.31 60.04
N SER B 73 19.89 -3.22 59.13
CA SER B 73 18.90 -4.05 58.45
C SER B 73 19.42 -5.47 58.22
N PRO B 74 19.47 -6.27 59.30
CA PRO B 74 20.07 -7.60 59.23
C PRO B 74 19.30 -8.56 58.31
N PHE B 75 20.04 -9.39 57.58
CA PHE B 75 19.42 -10.46 56.79
C PHE B 75 18.98 -11.63 57.69
N ASP B 76 18.14 -12.50 57.14
CA ASP B 76 17.43 -13.50 57.94
C ASP B 76 17.84 -14.95 57.67
N GLY B 77 19.05 -15.14 57.17
CA GLY B 77 19.54 -16.47 56.81
C GLY B 77 18.93 -16.94 55.49
N PRO B 78 18.95 -18.25 55.22
CA PRO B 78 18.37 -18.81 53.99
C PRO B 78 16.87 -18.55 53.91
N GLY B 79 16.40 -18.18 52.72
CA GLY B 79 14.98 -17.89 52.49
C GLY B 79 14.59 -16.50 52.96
N GLY B 80 13.28 -16.25 52.99
CA GLY B 80 12.73 -14.94 53.36
C GLY B 80 13.29 -13.81 52.52
N ASN B 81 14.00 -12.90 53.18
CA ASN B 81 14.63 -11.75 52.53
C ASN B 81 15.83 -12.17 51.67
N LEU B 82 15.79 -11.80 50.38
CA LEU B 82 16.85 -12.20 49.45
C LEU B 82 17.87 -11.08 49.25
N ALA B 83 17.38 -9.85 49.24
CA ALA B 83 18.20 -8.68 48.94
C ALA B 83 17.43 -7.41 49.23
N HIS B 84 18.16 -6.31 49.41
CA HIS B 84 17.55 -4.98 49.55
C HIS B 84 18.49 -3.89 49.05
N ALA B 85 17.95 -2.67 48.95
CA ALA B 85 18.71 -1.52 48.49
C ALA B 85 18.26 -0.24 49.18
N PHE B 86 18.92 0.87 48.85
CA PHE B 86 18.60 2.17 49.44
C PHE B 86 18.34 3.21 48.35
N GLN B 87 17.41 4.12 48.64
CA GLN B 87 17.08 5.24 47.77
C GLN B 87 18.30 6.14 47.56
N PRO B 88 18.37 6.88 46.43
CA PRO B 88 19.52 7.73 46.11
C PRO B 88 19.93 8.68 47.24
N GLY B 89 21.23 8.96 47.32
CA GLY B 89 21.79 9.82 48.36
C GLY B 89 23.24 9.48 48.67
N PRO B 90 23.87 10.23 49.58
CA PRO B 90 25.24 9.93 49.99
C PRO B 90 25.32 8.74 50.93
N GLY B 91 26.52 8.19 51.13
CA GLY B 91 26.75 7.06 52.03
C GLY B 91 26.08 5.79 51.55
N ILE B 92 25.21 5.24 52.40
CA ILE B 92 24.43 4.04 52.09
C ILE B 92 23.47 4.23 50.91
N GLY B 93 23.15 5.47 50.59
CA GLY B 93 22.25 5.81 49.50
C GLY B 93 22.65 5.15 48.19
N GLY B 94 21.70 4.49 47.55
CA GLY B 94 21.96 3.82 46.27
C GLY B 94 22.59 2.44 46.38
N ASP B 95 23.19 2.13 47.53
CA ASP B 95 23.84 0.83 47.74
C ASP B 95 22.84 -0.32 47.65
N ALA B 96 23.33 -1.47 47.19
CA ALA B 96 22.50 -2.68 47.08
C ALA B 96 23.16 -3.86 47.77
N HIS B 97 22.41 -4.53 48.64
CA HIS B 97 22.90 -5.66 49.41
C HIS B 97 22.19 -6.95 49.03
N PHE B 98 22.97 -8.01 48.86
CA PHE B 98 22.42 -9.33 48.54
C PHE B 98 22.79 -10.33 49.64
N ASP B 99 21.79 -11.04 50.16
CA ASP B 99 22.00 -12.02 51.24
C ASP B 99 22.86 -13.19 50.75
N GLU B 100 23.99 -13.39 51.42
CA GLU B 100 24.93 -14.45 51.07
C GLU B 100 24.43 -15.84 51.46
N ASP B 101 23.56 -15.92 52.47
CA ASP B 101 22.98 -17.19 52.88
C ASP B 101 22.06 -17.78 51.81
N GLU B 102 21.86 -17.03 50.74
CA GLU B 102 21.09 -17.45 49.59
C GLU B 102 22.03 -18.07 48.55
N ARG B 103 21.51 -19.01 47.76
CA ARG B 103 22.27 -19.55 46.64
C ARG B 103 21.92 -18.83 45.35
N TRP B 104 22.85 -18.00 44.87
CA TRP B 104 22.65 -17.21 43.66
C TRP B 104 23.00 -17.99 42.41
N THR B 105 22.23 -17.74 41.35
CA THR B 105 22.37 -18.47 40.08
C THR B 105 22.29 -17.51 38.90
N ASN B 106 22.64 -18.02 37.71
CA ASN B 106 22.45 -17.29 36.45
C ASN B 106 21.53 -18.08 35.50
N ASN B 107 20.69 -18.93 36.08
CA ASN B 107 19.76 -19.75 35.31
C ASN B 107 18.36 -19.79 35.94
N PHE B 108 17.59 -20.83 35.60
CA PHE B 108 16.26 -21.05 36.16
C PHE B 108 16.29 -21.43 37.63
N ARG B 109 17.41 -22.00 38.09
CA ARG B 109 17.53 -22.46 39.48
C ARG B 109 17.31 -21.33 40.47
N GLU B 110 16.67 -21.68 41.58
CA GLU B 110 16.05 -20.69 42.46
C GLU B 110 16.98 -19.58 42.93
N TYR B 111 16.50 -18.36 42.71
CA TYR B 111 17.16 -17.09 43.08
C TYR B 111 18.26 -16.67 42.10
N ASN B 112 17.80 -16.21 40.94
CA ASN B 112 18.60 -15.68 39.85
C ASN B 112 19.11 -14.28 40.20
N LEU B 113 20.44 -14.12 40.21
CA LEU B 113 21.08 -12.88 40.65
C LEU B 113 20.70 -11.67 39.79
N HIS B 114 20.67 -11.87 38.48
CA HIS B 114 20.34 -10.81 37.52
C HIS B 114 18.92 -10.29 37.71
N ARG B 115 17.98 -11.21 37.90
CA ARG B 115 16.58 -10.86 38.15
C ARG B 115 16.42 -9.99 39.39
N VAL B 116 17.08 -10.39 40.48
CA VAL B 116 17.00 -9.67 41.74
C VAL B 116 17.74 -8.31 41.67
N ALA B 117 18.95 -8.32 41.10
CA ALA B 117 19.75 -7.10 40.98
C ALA B 117 19.04 -6.00 40.18
N ALA B 118 18.33 -6.39 39.13
CA ALA B 118 17.55 -5.46 38.31
C ALA B 118 16.48 -4.74 39.13
N HIS B 119 15.85 -5.49 40.04
CA HIS B 119 14.88 -4.94 40.98
C HIS B 119 15.56 -4.02 42.00
N GLU B 120 16.62 -4.51 42.63
CA GLU B 120 17.30 -3.77 43.69
C GLU B 120 17.95 -2.49 43.19
N LEU B 121 18.53 -2.55 42.00
CA LEU B 121 19.10 -1.36 41.34
C LEU B 121 18.02 -0.35 40.96
N GLY B 122 16.78 -0.82 40.82
CA GLY B 122 15.62 0.05 40.61
C GLY B 122 15.43 0.99 41.79
N HIS B 123 15.51 0.43 43.00
CA HIS B 123 15.48 1.21 44.24
C HIS B 123 16.67 2.16 44.33
N SER B 124 17.82 1.71 43.84
CA SER B 124 19.05 2.51 43.82
C SER B 124 18.90 3.78 42.99
N LEU B 125 17.99 3.74 42.02
CA LEU B 125 17.74 4.88 41.12
C LEU B 125 16.54 5.72 41.57
N GLY B 126 15.84 5.26 42.61
CA GLY B 126 14.76 6.04 43.22
C GLY B 126 13.35 5.53 42.99
N LEU B 127 13.22 4.24 42.70
CA LEU B 127 11.91 3.64 42.46
C LEU B 127 11.30 3.01 43.71
N SER B 128 9.97 2.95 43.74
CA SER B 128 9.25 2.24 44.78
C SER B 128 8.66 0.95 44.21
N HIS B 129 8.06 0.12 45.07
CA HIS B 129 7.50 -1.16 44.65
C HIS B 129 6.29 -1.00 43.74
N SER B 130 6.14 -1.94 42.82
CA SER B 130 4.99 -2.00 41.92
C SER B 130 3.99 -3.03 42.42
N THR B 131 2.71 -2.78 42.14
CA THR B 131 1.64 -3.71 42.47
C THR B 131 1.36 -4.66 41.30
N ASP B 132 2.03 -4.39 40.17
CA ASP B 132 1.91 -5.21 38.98
C ASP B 132 2.68 -6.52 39.15
N ILE B 133 1.98 -7.63 39.02
CA ILE B 133 2.55 -8.97 39.21
C ILE B 133 3.76 -9.25 38.30
N GLY B 134 3.66 -8.84 37.04
CA GLY B 134 4.71 -9.10 36.05
C GLY B 134 5.76 -8.00 35.94
N ALA B 135 5.71 -7.03 36.84
CA ALA B 135 6.67 -5.93 36.85
C ALA B 135 7.97 -6.35 37.54
N LEU B 136 9.07 -5.74 37.10
CA LEU B 136 10.38 -6.01 37.68
C LEU B 136 10.50 -5.43 39.09
N MET B 137 9.72 -4.39 39.38
CA MET B 137 9.70 -3.76 40.69
C MET B 137 8.65 -4.35 41.64
N TYR B 138 8.22 -5.59 41.36
CA TYR B 138 7.34 -6.32 42.26
C TYR B 138 8.20 -6.95 43.36
N PRO B 139 7.79 -6.79 44.64
CA PRO B 139 8.62 -7.24 45.78
C PRO B 139 8.87 -8.75 45.84
N SER B 140 7.89 -9.56 45.43
CA SER B 140 8.05 -11.02 45.42
C SER B 140 8.98 -11.48 44.31
N TYR B 141 9.75 -12.53 44.60
CA TYR B 141 10.64 -13.13 43.59
C TYR B 141 9.86 -13.88 42.52
N THR B 142 10.07 -13.47 41.27
CA THR B 142 9.51 -14.14 40.10
C THR B 142 10.57 -14.28 39.02
N PHE B 143 10.52 -15.38 38.27
CA PHE B 143 11.46 -15.61 37.17
C PHE B 143 10.85 -16.47 36.09
N SER B 144 10.73 -15.90 34.89
CA SER B 144 10.18 -16.60 33.74
C SER B 144 11.22 -16.76 32.63
N GLY B 145 12.50 -16.67 33.00
CA GLY B 145 13.59 -16.83 32.05
C GLY B 145 14.09 -15.52 31.50
N ASP B 146 13.22 -14.79 30.82
CA ASP B 146 13.58 -13.49 30.27
C ASP B 146 13.12 -12.39 31.20
N VAL B 147 14.09 -11.59 31.66
CA VAL B 147 13.82 -10.47 32.55
C VAL B 147 13.88 -9.16 31.79
N GLN B 148 12.73 -8.50 31.66
CA GLN B 148 12.62 -7.25 30.93
C GLN B 148 11.76 -6.26 31.70
N LEU B 149 11.95 -4.98 31.42
CA LEU B 149 11.15 -3.94 32.03
C LEU B 149 9.71 -4.00 31.51
N ALA B 150 8.77 -4.14 32.44
CA ALA B 150 7.35 -4.05 32.11
C ALA B 150 6.98 -2.59 31.87
N GLN B 151 5.81 -2.34 31.31
CA GLN B 151 5.37 -0.98 30.99
C GLN B 151 5.41 -0.06 32.22
N ASP B 152 5.07 -0.64 33.37
CA ASP B 152 5.09 0.09 34.64
C ASP B 152 6.51 0.47 35.07
N ASP B 153 7.48 -0.39 34.77
CA ASP B 153 8.88 -0.14 35.08
C ASP B 153 9.43 1.03 34.25
N ILE B 154 9.11 1.03 32.96
CA ILE B 154 9.54 2.08 32.04
C ILE B 154 8.96 3.44 32.44
N ASP B 155 7.65 3.49 32.65
CA ASP B 155 6.96 4.72 33.05
C ASP B 155 7.45 5.27 34.39
N GLY B 156 7.70 4.37 35.34
CA GLY B 156 8.17 4.75 36.67
C GLY B 156 9.53 5.42 36.66
N ILE B 157 10.47 4.83 35.93
CA ILE B 157 11.84 5.35 35.86
C ILE B 157 11.98 6.59 34.97
N GLN B 158 11.14 6.66 33.93
CA GLN B 158 11.15 7.81 33.03
C GLN B 158 10.49 9.03 33.66
N ALA B 159 9.65 8.79 34.67
CA ALA B 159 9.01 9.87 35.43
C ALA B 159 10.00 10.55 36.39
N ILE B 160 11.24 10.06 36.41
CA ILE B 160 12.28 10.61 37.27
C ILE B 160 13.40 11.26 36.45
N TYR B 161 13.89 10.55 35.44
CA TYR B 161 15.06 11.00 34.67
C TYR B 161 14.78 11.30 33.20
N GLY B 162 13.58 10.93 32.73
CA GLY B 162 13.21 11.13 31.34
C GLY B 162 13.65 9.99 30.44
N ARG B 163 13.51 10.17 29.14
CA ARG B 163 13.90 9.18 28.15
C ARG B 163 15.28 9.43 27.57
N SER B 164 15.76 8.47 26.78
CA SER B 164 17.08 8.56 26.15
C SER B 164 17.02 9.33 24.83
N GLN B 165 18.12 9.99 24.49
CA GLN B 165 18.21 10.79 23.26
C GLN B 165 18.98 10.11 22.13
N ASN B 166 19.37 8.85 22.35
CA ASN B 166 20.12 8.08 21.36
C ASN B 166 19.25 7.66 20.18
N PRO B 167 19.62 8.13 18.98
CA PRO B 167 18.87 7.82 17.76
C PRO B 167 19.67 6.96 16.80
N GLY C 6 -0.15 22.02 -4.54
CA GLY C 6 -1.00 20.80 -4.35
C GLY C 6 -0.18 19.55 -4.11
N ASN C 7 -0.51 18.48 -4.84
CA ASN C 7 0.17 17.19 -4.72
C ASN C 7 1.60 17.22 -5.28
N PRO C 8 2.52 16.47 -4.64
CA PRO C 8 3.93 16.45 -5.06
C PRO C 8 4.15 15.85 -6.44
N ARG C 9 4.94 16.55 -7.26
CA ARG C 9 5.27 16.09 -8.61
C ARG C 9 6.75 16.36 -8.93
N TRP C 10 7.30 15.58 -9.86
CA TRP C 10 8.69 15.77 -10.29
C TRP C 10 8.83 17.02 -11.14
N GLU C 11 9.77 17.88 -10.76
CA GLU C 11 10.04 19.13 -11.46
C GLU C 11 10.82 18.90 -12.75
N GLN C 12 11.63 17.84 -12.76
CA GLN C 12 12.47 17.49 -13.90
C GLN C 12 11.82 16.45 -14.79
N THR C 13 12.31 16.35 -16.03
CA THR C 13 11.80 15.38 -17.01
C THR C 13 12.70 14.14 -17.05
N HIS C 14 14.01 14.37 -17.08
CA HIS C 14 15.00 13.29 -17.09
C HIS C 14 15.22 12.72 -15.70
N LEU C 15 14.54 11.62 -15.40
CA LEU C 15 14.62 10.98 -14.09
C LEU C 15 15.63 9.82 -14.07
N THR C 16 16.26 9.64 -12.91
CA THR C 16 17.26 8.58 -12.72
C THR C 16 16.85 7.62 -11.60
N TYR C 17 17.32 6.37 -11.70
CA TYR C 17 17.04 5.37 -10.66
C TYR C 17 18.23 4.45 -10.42
N ARG C 18 18.32 3.92 -9.20
CA ARG C 18 19.38 2.99 -8.82
C ARG C 18 18.83 1.85 -7.96
N ILE C 19 19.27 0.63 -8.29
CA ILE C 19 18.96 -0.55 -7.48
C ILE C 19 20.10 -0.76 -6.49
N GLU C 20 19.87 -0.34 -5.25
CA GLU C 20 20.87 -0.37 -4.17
C GLU C 20 21.44 -1.76 -3.93
N ASN C 21 20.56 -2.76 -3.94
CA ASN C 21 20.94 -4.16 -3.75
C ASN C 21 19.96 -5.09 -4.46
N TYR C 22 20.44 -6.26 -4.86
CA TYR C 22 19.65 -7.22 -5.62
C TYR C 22 19.20 -8.39 -4.75
N THR C 23 17.95 -8.81 -4.93
CA THR C 23 17.43 -9.99 -4.25
C THR C 23 18.13 -11.26 -4.76
N PRO C 24 18.54 -12.15 -3.83
CA PRO C 24 19.17 -13.41 -4.23
C PRO C 24 18.17 -14.45 -4.77
N ASP C 25 16.87 -14.13 -4.70
CA ASP C 25 15.81 -14.98 -5.23
C ASP C 25 15.84 -15.06 -6.76
N LEU C 26 16.32 -14.00 -7.39
CA LEU C 26 16.37 -13.88 -8.85
C LEU C 26 17.79 -13.57 -9.33
N PRO C 27 18.13 -14.03 -10.54
CA PRO C 27 19.38 -13.61 -11.19
C PRO C 27 19.42 -12.10 -11.43
N ARG C 28 20.62 -11.54 -11.37
CA ARG C 28 20.87 -10.10 -11.52
C ARG C 28 20.10 -9.46 -12.69
N ALA C 29 20.19 -10.08 -13.86
CA ALA C 29 19.58 -9.57 -15.09
C ALA C 29 18.05 -9.56 -15.06
N ASP C 30 17.45 -10.55 -14.40
CA ASP C 30 15.99 -10.65 -14.30
C ASP C 30 15.40 -9.56 -13.41
N VAL C 31 16.14 -9.18 -12.37
CA VAL C 31 15.76 -8.05 -11.53
C VAL C 31 15.82 -6.77 -12.37
N ASP C 32 16.93 -6.58 -13.08
CA ASP C 32 17.12 -5.46 -14.01
C ASP C 32 16.00 -5.36 -15.04
N HIS C 33 15.62 -6.52 -15.60
CA HIS C 33 14.59 -6.58 -16.64
C HIS C 33 13.21 -6.21 -16.10
N ALA C 34 12.83 -6.78 -14.95
CA ALA C 34 11.53 -6.52 -14.34
C ALA C 34 11.34 -5.04 -14.01
N ILE C 35 12.40 -4.41 -13.52
CA ILE C 35 12.36 -2.97 -13.20
C ILE C 35 12.32 -2.12 -14.47
N GLU C 36 13.11 -2.52 -15.47
CA GLU C 36 13.18 -1.82 -16.77
C GLU C 36 11.83 -1.77 -17.47
N LYS C 37 11.17 -2.92 -17.59
CA LYS C 37 9.84 -3.00 -18.20
C LYS C 37 8.74 -2.36 -17.35
N ALA C 38 8.99 -2.22 -16.05
CA ALA C 38 8.05 -1.55 -15.15
C ALA C 38 8.11 -0.04 -15.34
N PHE C 39 9.31 0.48 -15.59
CA PHE C 39 9.50 1.88 -15.93
C PHE C 39 9.02 2.18 -17.35
N GLN C 40 9.15 1.20 -18.24
CA GLN C 40 8.79 1.34 -19.65
C GLN C 40 7.30 1.66 -19.84
N LEU C 41 6.46 1.11 -18.98
CA LEU C 41 5.02 1.39 -18.99
C LEU C 41 4.75 2.87 -18.73
N TRP C 42 5.49 3.44 -17.79
CA TRP C 42 5.37 4.85 -17.44
C TRP C 42 6.20 5.73 -18.37
N SER C 43 6.71 5.14 -19.45
CA SER C 43 7.42 5.88 -20.50
C SER C 43 6.60 5.93 -21.78
N ASN C 44 5.66 4.99 -21.91
CA ASN C 44 4.80 4.89 -23.08
C ASN C 44 3.69 5.94 -23.13
N VAL C 45 3.35 6.50 -21.96
CA VAL C 45 2.23 7.44 -21.86
C VAL C 45 2.65 8.85 -21.42
N THR C 46 3.81 8.95 -20.76
CA THR C 46 4.32 10.25 -20.27
C THR C 46 5.66 10.61 -20.91
N PRO C 47 5.97 11.92 -21.03
CA PRO C 47 7.24 12.36 -21.60
C PRO C 47 8.46 12.09 -20.72
N LEU C 48 8.26 11.42 -19.59
CA LEU C 48 9.33 11.11 -18.64
C LEU C 48 10.23 9.98 -19.12
N THR C 49 11.53 10.24 -19.18
CA THR C 49 12.52 9.23 -19.55
C THR C 49 13.30 8.77 -18.33
N PHE C 50 13.54 7.47 -18.25
CA PHE C 50 14.24 6.87 -17.11
C PHE C 50 15.62 6.34 -17.49
N THR C 51 16.59 6.61 -16.62
CA THR C 51 17.97 6.21 -16.85
C THR C 51 18.52 5.47 -15.62
N LYS C 52 19.09 4.29 -15.87
CA LYS C 52 19.66 3.48 -14.80
C LYS C 52 21.10 3.92 -14.49
N VAL C 53 21.35 4.20 -13.22
CA VAL C 53 22.69 4.57 -12.74
C VAL C 53 23.15 3.61 -11.65
N SER C 54 24.47 3.45 -11.51
CA SER C 54 25.05 2.51 -10.55
C SER C 54 25.87 3.19 -9.46
N GLU C 55 26.14 4.48 -9.64
CA GLU C 55 26.94 5.25 -8.68
C GLU C 55 26.17 6.45 -8.13
N GLY C 56 26.34 6.70 -6.83
CA GLY C 56 25.78 7.89 -6.18
C GLY C 56 24.28 7.83 -5.94
N GLN C 57 23.72 8.96 -5.49
CA GLN C 57 22.29 9.05 -5.21
C GLN C 57 21.49 9.38 -6.46
N ALA C 58 20.30 8.79 -6.55
CA ALA C 58 19.39 9.03 -7.67
C ALA C 58 18.01 9.44 -7.15
N ASP C 59 17.13 9.87 -8.07
CA ASP C 59 15.77 10.26 -7.74
C ASP C 59 15.00 9.11 -7.09
N ILE C 60 14.95 7.98 -7.78
CA ILE C 60 14.26 6.78 -7.29
C ILE C 60 15.28 5.73 -6.84
N MET C 61 15.28 5.42 -5.54
CA MET C 61 16.17 4.40 -4.99
C MET C 61 15.40 3.11 -4.73
N ILE C 62 15.85 2.03 -5.36
CA ILE C 62 15.19 0.73 -5.26
C ILE C 62 16.02 -0.23 -4.42
N SER C 63 15.37 -0.89 -3.46
CA SER C 63 16.06 -1.81 -2.56
C SER C 63 15.19 -3.01 -2.14
N PHE C 64 15.87 -4.08 -1.73
CA PHE C 64 15.22 -5.28 -1.21
C PHE C 64 15.60 -5.47 0.25
N VAL C 65 14.64 -5.28 1.14
CA VAL C 65 14.90 -5.25 2.59
C VAL C 65 13.87 -6.01 3.41
N ARG C 66 14.27 -6.45 4.60
CA ARG C 66 13.40 -7.18 5.51
C ARG C 66 13.16 -6.44 6.83
N GLY C 67 12.03 -6.71 7.46
CA GLY C 67 11.69 -6.18 8.78
C GLY C 67 11.95 -4.70 8.94
N ASP C 68 12.51 -4.33 10.09
CA ASP C 68 12.89 -2.95 10.36
C ASP C 68 14.10 -2.55 9.51
N HIS C 69 13.86 -1.69 8.52
CA HIS C 69 14.90 -1.22 7.63
C HIS C 69 15.12 0.29 7.76
N ARG C 70 14.89 0.79 8.96
CA ARG C 70 15.23 2.15 9.36
C ARG C 70 14.50 3.28 8.62
N ASP C 71 13.25 3.01 8.26
CA ASP C 71 12.34 4.07 7.81
C ASP C 71 11.09 4.10 8.70
N ASN C 72 10.02 4.73 8.22
CA ASN C 72 8.79 4.85 9.00
C ASN C 72 7.82 3.67 8.86
N SER C 73 8.19 2.69 8.03
CA SER C 73 7.35 1.51 7.83
C SER C 73 8.14 0.20 7.69
N PRO C 74 8.34 -0.51 8.81
CA PRO C 74 9.02 -1.81 8.79
C PRO C 74 8.18 -2.88 8.10
N PHE C 75 8.82 -3.92 7.58
CA PHE C 75 8.11 -5.02 6.93
C PHE C 75 7.65 -6.10 7.91
N ASP C 76 6.66 -6.88 7.49
CA ASP C 76 5.93 -7.81 8.36
C ASP C 76 6.35 -9.28 8.21
N GLY C 77 7.32 -9.55 7.35
CA GLY C 77 7.74 -10.92 7.07
C GLY C 77 7.06 -11.46 5.82
N PRO C 78 7.08 -12.79 5.62
CA PRO C 78 6.43 -13.42 4.46
C PRO C 78 4.92 -13.21 4.47
N GLY C 79 4.37 -12.86 3.31
CA GLY C 79 2.96 -12.49 3.19
C GLY C 79 2.74 -11.02 3.53
N GLY C 80 1.49 -10.68 3.88
CA GLY C 80 1.14 -9.32 4.24
C GLY C 80 1.47 -8.33 3.14
N ASN C 81 2.16 -7.24 3.49
CA ASN C 81 2.59 -6.29 2.47
C ASN C 81 3.92 -6.69 1.84
N LEU C 82 3.94 -6.66 0.50
CA LEU C 82 5.07 -7.13 -0.27
C LEU C 82 6.05 -6.00 -0.57
N ALA C 83 5.53 -4.78 -0.65
CA ALA C 83 6.34 -3.61 -0.98
C ALA C 83 5.62 -2.31 -0.65
N HIS C 84 6.39 -1.22 -0.63
CA HIS C 84 5.83 0.13 -0.58
C HIS C 84 6.73 1.12 -1.32
N ALA C 85 6.30 2.39 -1.35
CA ALA C 85 7.05 3.45 -2.02
C ALA C 85 6.79 4.81 -1.36
N PHE C 86 7.43 5.85 -1.88
CA PHE C 86 7.26 7.20 -1.38
C PHE C 86 6.99 8.17 -2.52
N GLN C 87 6.14 9.16 -2.26
CA GLN C 87 5.83 10.22 -3.22
C GLN C 87 7.08 11.03 -3.58
N PRO C 88 7.12 11.61 -4.79
CA PRO C 88 8.27 12.40 -5.27
C PRO C 88 8.78 13.42 -4.25
N GLY C 89 10.11 13.56 -4.21
CA GLY C 89 10.77 14.48 -3.28
C GLY C 89 12.22 14.10 -3.01
N PRO C 90 12.94 14.93 -2.23
CA PRO C 90 14.33 14.64 -1.86
C PRO C 90 14.44 13.53 -0.83
N GLY C 91 15.63 12.93 -0.73
CA GLY C 91 15.91 11.90 0.26
C GLY C 91 15.16 10.60 0.00
N ILE C 92 14.24 10.28 0.92
CA ILE C 92 13.44 9.05 0.82
C ILE C 92 12.34 9.16 -0.25
N GLY C 93 12.09 10.36 -0.75
CA GLY C 93 11.10 10.60 -1.79
C GLY C 93 11.43 9.87 -3.08
N GLY C 94 10.41 9.27 -3.69
CA GLY C 94 10.58 8.54 -4.94
C GLY C 94 11.06 7.10 -4.76
N ASP C 95 11.66 6.81 -3.61
CA ASP C 95 12.21 5.49 -3.32
C ASP C 95 11.14 4.40 -3.29
N ALA C 96 11.53 3.20 -3.69
CA ALA C 96 10.64 2.05 -3.68
C ALA C 96 11.33 0.87 -2.99
N HIS C 97 10.72 0.37 -1.93
CA HIS C 97 11.28 -0.74 -1.16
C HIS C 97 10.47 -2.01 -1.39
N PHE C 98 11.18 -3.13 -1.58
CA PHE C 98 10.54 -4.42 -1.77
C PHE C 98 10.96 -5.38 -0.66
N ASP C 99 9.97 -6.06 -0.07
CA ASP C 99 10.22 -6.94 1.07
C ASP C 99 11.01 -8.18 0.68
N GLU C 100 12.19 -8.33 1.27
CA GLU C 100 13.08 -9.46 0.99
C GLU C 100 12.56 -10.77 1.59
N ASP C 101 11.80 -10.68 2.69
CA ASP C 101 11.18 -11.86 3.29
C ASP C 101 10.20 -12.54 2.34
N GLU C 102 10.02 -11.92 1.17
CA GLU C 102 9.16 -12.43 0.12
C GLU C 102 10.00 -13.14 -0.93
N ARG C 103 9.46 -14.22 -1.49
CA ARG C 103 10.11 -14.92 -2.59
C ARG C 103 9.69 -14.26 -3.90
N TRP C 104 10.65 -13.61 -4.56
CA TRP C 104 10.40 -12.87 -5.79
C TRP C 104 10.63 -13.73 -7.02
N THR C 105 9.72 -13.60 -7.99
CA THR C 105 9.71 -14.44 -9.18
C THR C 105 9.60 -13.62 -10.46
N ASN C 106 10.02 -14.20 -11.58
CA ASN C 106 9.82 -13.59 -12.89
C ASN C 106 8.76 -14.34 -13.71
N ASN C 107 8.01 -15.20 -13.02
CA ASN C 107 6.96 -16.01 -13.64
C ASN C 107 5.64 -15.93 -12.86
N PHE C 108 4.84 -17.00 -12.93
CA PHE C 108 3.52 -17.05 -12.31
C PHE C 108 3.56 -17.40 -10.82
N ARG C 109 4.71 -17.87 -10.35
CA ARG C 109 4.90 -18.27 -8.96
C ARG C 109 4.75 -17.09 -7.99
N GLU C 110 4.40 -17.41 -6.74
CA GLU C 110 4.04 -16.39 -5.74
C GLU C 110 4.91 -15.15 -5.75
N TYR C 111 4.25 -14.03 -6.03
CA TYR C 111 4.82 -12.67 -5.98
C TYR C 111 5.85 -12.36 -7.06
N ASN C 112 5.31 -12.02 -8.24
CA ASN C 112 6.07 -11.61 -9.41
C ASN C 112 6.61 -10.19 -9.23
N LEU C 113 7.93 -10.04 -9.36
CA LEU C 113 8.60 -8.77 -9.10
C LEU C 113 8.17 -7.63 -10.04
N HIS C 114 7.94 -7.97 -11.30
CA HIS C 114 7.55 -6.97 -12.30
C HIS C 114 6.18 -6.35 -12.03
N ARG C 115 5.23 -7.18 -11.57
CA ARG C 115 3.87 -6.72 -11.27
C ARG C 115 3.87 -5.70 -10.13
N VAL C 116 4.53 -6.07 -9.04
CA VAL C 116 4.64 -5.22 -7.87
C VAL C 116 5.42 -3.94 -8.19
N ALA C 117 6.53 -4.09 -8.92
CA ALA C 117 7.37 -2.95 -9.30
C ALA C 117 6.62 -1.90 -10.11
N ALA C 118 5.76 -2.35 -11.03
CA ALA C 118 4.97 -1.45 -11.87
C ALA C 118 4.02 -0.60 -11.03
N HIS C 119 3.43 -1.22 -10.01
CA HIS C 119 2.57 -0.52 -9.05
C HIS C 119 3.38 0.45 -8.20
N GLU C 120 4.41 -0.08 -7.53
CA GLU C 120 5.27 0.70 -6.64
C GLU C 120 5.84 1.96 -7.30
N LEU C 121 6.35 1.79 -8.51
CA LEU C 121 6.93 2.89 -9.28
C LEU C 121 5.91 3.95 -9.72
N GLY C 122 4.63 3.57 -9.69
CA GLY C 122 3.53 4.51 -9.93
C GLY C 122 3.46 5.55 -8.82
N HIS C 123 3.63 5.10 -7.58
CA HIS C 123 3.71 5.97 -6.42
C HIS C 123 4.94 6.87 -6.48
N SER C 124 6.02 6.35 -7.05
CA SER C 124 7.29 7.07 -7.18
C SER C 124 7.18 8.30 -8.10
N LEU C 125 6.16 8.31 -8.95
CA LEU C 125 5.96 9.42 -9.89
C LEU C 125 4.88 10.40 -9.43
N GLY C 126 4.14 10.03 -8.39
CA GLY C 126 3.16 10.93 -7.79
C GLY C 126 1.74 10.41 -7.67
N LEU C 127 1.52 9.19 -8.17
CA LEU C 127 0.18 8.59 -8.15
C LEU C 127 -0.21 8.06 -6.77
N SER C 128 -1.51 8.13 -6.48
CA SER C 128 -2.09 7.50 -5.30
C SER C 128 -2.73 6.17 -5.72
N HIS C 129 -3.44 5.52 -4.80
CA HIS C 129 -4.13 4.27 -5.11
C HIS C 129 -5.40 4.51 -5.93
N SER C 130 -5.68 3.58 -6.82
CA SER C 130 -6.91 3.62 -7.62
C SER C 130 -8.01 2.80 -6.94
N THR C 131 -9.26 3.14 -7.24
CA THR C 131 -10.41 2.44 -6.67
C THR C 131 -10.82 1.26 -7.54
N ASP C 132 -10.41 1.30 -8.81
CA ASP C 132 -10.68 0.23 -9.77
C ASP C 132 -9.87 -1.01 -9.40
N ILE C 133 -10.57 -2.13 -9.20
CA ILE C 133 -9.94 -3.39 -8.79
C ILE C 133 -9.03 -4.00 -9.87
N GLY C 134 -9.35 -3.73 -11.14
CA GLY C 134 -8.57 -4.26 -12.26
C GLY C 134 -7.47 -3.32 -12.74
N ALA C 135 -7.29 -2.21 -12.03
CA ALA C 135 -6.23 -1.25 -12.34
C ALA C 135 -4.91 -1.68 -11.72
N LEU C 136 -3.81 -1.13 -12.24
CA LEU C 136 -2.48 -1.44 -11.73
C LEU C 136 -2.21 -0.80 -10.38
N MET C 137 -2.75 0.39 -10.17
CA MET C 137 -2.53 1.13 -8.92
C MET C 137 -3.46 0.70 -7.78
N TYR C 138 -4.17 -0.41 -7.98
CA TYR C 138 -4.92 -1.04 -6.90
C TYR C 138 -3.93 -1.78 -6.00
N PRO C 139 -4.03 -1.59 -4.67
CA PRO C 139 -3.03 -2.12 -3.74
C PRO C 139 -2.97 -3.65 -3.65
N SER C 140 -4.06 -4.33 -3.99
CA SER C 140 -4.14 -5.77 -3.85
C SER C 140 -3.31 -6.49 -4.92
N TYR C 141 -2.46 -7.41 -4.49
CA TYR C 141 -1.61 -8.19 -5.40
C TYR C 141 -2.42 -9.15 -6.25
N THR C 142 -2.35 -8.96 -7.56
CA THR C 142 -3.00 -9.84 -8.55
C THR C 142 -2.10 -9.99 -9.77
N PHE C 143 -2.05 -11.20 -10.32
CA PHE C 143 -1.20 -11.47 -11.48
C PHE C 143 -1.97 -12.23 -12.55
N SER C 144 -2.27 -11.53 -13.65
CA SER C 144 -3.03 -12.10 -14.76
C SER C 144 -2.19 -12.13 -16.04
N GLY C 145 -0.94 -12.60 -15.92
CA GLY C 145 -0.03 -12.66 -17.05
C GLY C 145 0.63 -11.32 -17.32
N ASP C 146 0.13 -10.62 -18.33
CA ASP C 146 0.70 -9.34 -18.74
C ASP C 146 0.29 -8.22 -17.78
N VAL C 147 1.24 -7.34 -17.48
CA VAL C 147 0.95 -6.17 -16.65
C VAL C 147 0.85 -4.93 -17.55
N GLN C 148 -0.36 -4.39 -17.65
CA GLN C 148 -0.62 -3.26 -18.53
C GLN C 148 -1.33 -2.15 -17.76
N LEU C 149 -1.14 -0.91 -18.21
CA LEU C 149 -1.82 0.22 -17.62
C LEU C 149 -3.28 0.26 -18.06
N ALA C 150 -4.18 0.24 -17.08
CA ALA C 150 -5.61 0.37 -17.35
C ALA C 150 -5.98 1.84 -17.56
N GLN C 151 -7.25 2.08 -17.90
CA GLN C 151 -7.77 3.42 -18.16
C GLN C 151 -7.46 4.42 -17.06
N ASP C 152 -7.70 4.02 -15.81
CA ASP C 152 -7.42 4.85 -14.64
C ASP C 152 -5.95 5.12 -14.41
N ASP C 153 -5.11 4.14 -14.74
CA ASP C 153 -3.66 4.25 -14.60
C ASP C 153 -3.08 5.26 -15.58
N ILE C 154 -3.58 5.24 -16.80
CA ILE C 154 -3.14 6.17 -17.86
C ILE C 154 -3.61 7.60 -17.56
N ASP C 155 -4.91 7.74 -17.30
CA ASP C 155 -5.53 9.04 -17.07
C ASP C 155 -5.02 9.80 -15.85
N GLY C 156 -4.56 9.06 -14.85
CA GLY C 156 -4.03 9.65 -13.62
C GLY C 156 -2.63 10.23 -13.80
N ILE C 157 -1.74 9.44 -14.37
CA ILE C 157 -0.34 9.84 -14.59
C ILE C 157 -0.20 10.93 -15.66
N GLN C 158 -1.13 10.96 -16.60
CA GLN C 158 -1.15 12.00 -17.64
C GLN C 158 -1.68 13.33 -17.10
N ALA C 159 -2.50 13.26 -16.07
CA ALA C 159 -3.04 14.45 -15.40
C ALA C 159 -1.94 15.21 -14.64
N ILE C 160 -0.94 14.46 -14.17
CA ILE C 160 0.21 15.05 -13.46
C ILE C 160 1.19 15.66 -14.45
N TYR C 161 1.40 15.00 -15.59
CA TYR C 161 2.36 15.46 -16.58
C TYR C 161 1.70 15.72 -17.95
N GLY C 162 2.20 15.06 -19.00
CA GLY C 162 1.68 15.24 -20.35
C GLY C 162 1.60 13.95 -21.15
N ARG C 163 2.17 13.98 -22.34
CA ARG C 163 2.17 12.81 -23.23
C ARG C 163 3.12 12.96 -24.41
N SER C 164 3.83 11.88 -24.73
CA SER C 164 4.78 11.88 -25.85
C SER C 164 4.09 11.75 -27.20
N CYS D 1 -11.58 8.93 -53.81
CA CYS D 1 -11.83 7.74 -52.94
C CYS D 1 -12.40 6.58 -53.74
N THR D 2 -11.82 5.41 -53.56
CA THR D 2 -12.35 4.19 -54.15
C THR D 2 -12.65 3.19 -53.04
N CYS D 3 -13.86 2.64 -53.06
CA CYS D 3 -14.29 1.67 -52.05
C CYS D 3 -14.85 0.43 -52.71
N VAL D 4 -14.51 -0.72 -52.15
CA VAL D 4 -15.31 -1.91 -52.41
C VAL D 4 -16.44 -1.88 -51.38
N PRO D 5 -17.69 -1.75 -51.86
CA PRO D 5 -18.82 -1.67 -50.94
C PRO D 5 -18.91 -2.94 -50.12
N PRO D 6 -18.98 -2.80 -48.78
CA PRO D 6 -18.97 -3.97 -47.91
C PRO D 6 -20.33 -4.68 -47.92
N HIS D 7 -20.28 -6.01 -47.93
CA HIS D 7 -21.46 -6.82 -47.71
C HIS D 7 -21.84 -6.64 -46.24
N PRO D 8 -23.14 -6.46 -45.95
CA PRO D 8 -23.61 -6.24 -44.57
C PRO D 8 -22.96 -7.18 -43.55
N GLN D 9 -22.73 -8.43 -43.95
CA GLN D 9 -22.08 -9.44 -43.12
C GLN D 9 -20.72 -8.96 -42.58
N THR D 10 -19.78 -8.72 -43.50
CA THR D 10 -18.40 -8.37 -43.13
C THR D 10 -18.27 -6.98 -42.51
N ALA D 11 -19.23 -6.10 -42.81
CA ALA D 11 -19.26 -4.75 -42.24
C ALA D 11 -19.67 -4.79 -40.77
N PHE D 12 -20.50 -5.76 -40.40
CA PHE D 12 -20.97 -5.95 -39.03
C PHE D 12 -19.82 -6.29 -38.08
N CYS D 13 -18.96 -7.21 -38.50
CA CYS D 13 -17.83 -7.67 -37.70
C CYS D 13 -16.73 -6.61 -37.60
N ASN D 14 -16.54 -5.86 -38.69
CA ASN D 14 -15.50 -4.83 -38.76
C ASN D 14 -15.85 -3.57 -37.97
N SER D 15 -17.11 -3.15 -38.04
CA SER D 15 -17.57 -1.94 -37.35
C SER D 15 -17.66 -2.13 -35.84
N ASP D 16 -17.62 -1.02 -35.12
CA ASP D 16 -17.77 -1.02 -33.66
C ASP D 16 -19.22 -0.70 -33.26
N LEU D 17 -19.87 0.12 -34.08
CA LEU D 17 -21.27 0.49 -33.86
C LEU D 17 -22.10 0.32 -35.12
N VAL D 18 -23.10 -0.56 -35.08
CA VAL D 18 -24.02 -0.77 -36.19
C VAL D 18 -25.43 -0.26 -35.84
N ILE D 19 -25.53 1.04 -35.60
CA ILE D 19 -26.76 1.67 -35.10
C ILE D 19 -27.79 1.98 -36.18
N ARG D 20 -29.02 2.26 -35.73
CA ARG D 20 -30.07 2.81 -36.59
C ARG D 20 -30.33 4.24 -36.15
N ALA D 21 -30.29 5.17 -37.10
CA ALA D 21 -30.38 6.60 -36.80
C ALA D 21 -30.95 7.42 -37.96
N LYS D 22 -31.32 8.66 -37.66
CA LYS D 22 -31.81 9.60 -38.66
C LYS D 22 -30.94 10.86 -38.68
N PHE D 23 -30.62 11.32 -39.88
CA PHE D 23 -29.80 12.52 -40.06
C PHE D 23 -30.66 13.77 -39.90
N VAL D 24 -30.29 14.61 -38.94
CA VAL D 24 -31.09 15.78 -38.57
C VAL D 24 -31.03 16.89 -39.62
N GLY D 25 -29.83 17.40 -39.88
CA GLY D 25 -29.67 18.53 -40.79
C GLY D 25 -28.37 18.53 -41.59
N THR D 26 -28.07 19.68 -42.18
CA THR D 26 -26.87 19.87 -43.00
C THR D 26 -25.59 19.64 -42.19
N PRO D 27 -24.56 19.03 -42.81
CA PRO D 27 -23.29 18.76 -42.14
C PRO D 27 -22.60 20.01 -41.62
N GLU D 28 -22.08 19.93 -40.40
CA GLU D 28 -21.28 21.00 -39.81
C GLU D 28 -19.81 20.75 -40.16
N VAL D 29 -19.13 21.78 -40.67
CA VAL D 29 -17.78 21.62 -41.20
C VAL D 29 -16.73 22.46 -40.47
N ASN D 30 -15.63 21.81 -40.09
CA ASN D 30 -14.50 22.48 -39.46
C ASN D 30 -13.35 22.67 -40.44
N GLN D 31 -13.31 23.85 -41.07
CA GLN D 31 -12.39 24.12 -42.17
C GLN D 31 -10.97 24.46 -41.70
N THR D 32 -10.49 23.73 -40.70
CA THR D 32 -9.11 23.87 -40.20
C THR D 32 -8.53 22.48 -39.92
N THR D 33 -9.41 21.50 -39.75
CA THR D 33 -9.02 20.12 -39.51
C THR D 33 -9.50 19.26 -40.69
N LEU D 34 -10.27 19.88 -41.57
CA LEU D 34 -10.89 19.25 -42.74
C LEU D 34 -11.74 18.03 -42.41
N TYR D 35 -12.42 18.09 -41.26
CA TYR D 35 -13.42 17.11 -40.90
C TYR D 35 -14.81 17.70 -40.86
N GLN D 36 -15.80 16.82 -40.85
CA GLN D 36 -17.20 17.17 -41.01
C GLN D 36 -18.01 16.25 -40.10
N ARG D 37 -19.10 16.78 -39.55
CA ARG D 37 -19.96 15.99 -38.69
C ARG D 37 -21.44 16.16 -39.00
N TYR D 38 -22.18 15.05 -38.94
CA TYR D 38 -23.62 15.04 -39.13
C TYR D 38 -24.30 14.79 -37.80
N GLU D 39 -25.22 15.68 -37.44
CA GLU D 39 -26.04 15.49 -36.24
C GLU D 39 -27.06 14.38 -36.51
N ILE D 40 -27.00 13.34 -35.69
CA ILE D 40 -27.89 12.18 -35.87
C ILE D 40 -28.81 11.94 -34.68
N LYS D 41 -30.08 11.71 -34.98
CA LYS D 41 -31.05 11.28 -33.99
C LYS D 41 -31.07 9.77 -33.95
N MET D 42 -30.35 9.20 -32.99
CA MET D 42 -30.25 7.75 -32.85
C MET D 42 -31.55 7.12 -32.31
N THR D 43 -31.91 5.97 -32.88
CA THR D 43 -33.14 5.28 -32.53
C THR D 43 -32.88 3.92 -31.86
N LYS D 44 -32.10 3.07 -32.52
CA LYS D 44 -31.83 1.72 -32.03
C LYS D 44 -30.37 1.30 -32.23
N MET D 45 -29.85 0.54 -31.29
CA MET D 45 -28.48 0.03 -31.36
C MET D 45 -28.45 -1.50 -31.46
N TYR D 46 -27.65 -2.02 -32.38
CA TYR D 46 -27.45 -3.46 -32.50
C TYR D 46 -26.03 -3.85 -32.10
N LYS D 47 -25.10 -2.92 -32.26
CA LYS D 47 -23.80 -3.03 -31.60
C LYS D 47 -23.18 -1.66 -31.37
N GLY D 48 -22.38 -1.54 -30.31
CA GLY D 48 -22.61 -0.55 -29.28
C GLY D 48 -22.17 -1.02 -27.91
N PHE D 49 -22.94 -0.65 -26.89
CA PHE D 49 -23.68 -1.63 -26.11
C PHE D 49 -22.82 -2.83 -25.81
N GLN D 50 -21.69 -2.58 -25.15
CA GLN D 50 -20.74 -3.64 -24.83
C GLN D 50 -19.33 -3.13 -24.67
N ALA D 51 -19.22 -1.87 -24.24
CA ALA D 51 -19.16 -0.76 -25.16
C ALA D 51 -17.78 -0.66 -25.80
N LEU D 52 -17.01 -1.73 -25.69
CA LEU D 52 -15.56 -1.63 -25.64
C LEU D 52 -14.97 -0.79 -26.76
N GLY D 53 -13.81 -0.21 -26.49
CA GLY D 53 -13.69 0.71 -25.38
C GLY D 53 -15.05 1.33 -25.10
N ASP D 54 -15.04 2.48 -24.44
CA ASP D 54 -15.75 3.64 -24.94
C ASP D 54 -17.21 3.61 -24.53
N ALA D 55 -18.09 3.80 -25.51
CA ALA D 55 -18.05 4.99 -26.35
C ALA D 55 -19.39 5.23 -27.01
N ALA D 56 -19.63 6.46 -27.46
CA ALA D 56 -20.43 7.40 -26.70
C ALA D 56 -21.35 8.26 -27.54
N ASP D 57 -21.25 9.58 -27.37
CA ASP D 57 -22.27 10.49 -27.85
C ASP D 57 -23.68 9.94 -27.66
N ILE D 58 -24.07 9.02 -28.54
CA ILE D 58 -23.87 9.20 -29.96
C ILE D 58 -24.99 10.00 -30.60
N ARG D 59 -24.72 11.26 -30.87
CA ARG D 59 -25.59 12.06 -31.73
C ARG D 59 -24.83 12.88 -32.77
N PHE D 60 -23.56 12.53 -32.95
CA PHE D 60 -22.73 13.07 -34.03
C PHE D 60 -21.91 11.96 -34.67
N VAL D 61 -22.09 11.81 -36.02
CA VAL D 61 -21.22 10.92 -36.79
C VAL D 61 -20.19 11.75 -37.56
N TYR D 62 -18.92 11.38 -37.43
CA TYR D 62 -17.82 12.15 -38.00
C TYR D 62 -17.27 11.52 -39.28
N THR D 63 -16.81 12.37 -40.20
CA THR D 63 -16.32 11.97 -41.52
C THR D 63 -15.46 13.09 -42.11
N PRO D 64 -14.46 12.75 -42.95
CA PRO D 64 -13.68 13.81 -43.59
C PRO D 64 -14.57 14.79 -44.37
N ALA D 65 -14.16 16.05 -44.42
CA ALA D 65 -14.93 17.10 -45.08
C ALA D 65 -14.91 16.95 -46.61
N MET D 66 -13.83 16.38 -47.12
CA MET D 66 -13.65 16.28 -48.57
C MET D 66 -14.01 14.89 -49.08
N GLU D 67 -14.84 14.87 -50.11
CA GLU D 67 -15.33 13.64 -50.73
C GLU D 67 -14.19 12.79 -51.32
N SER D 68 -13.17 13.47 -51.86
CA SER D 68 -12.02 12.81 -52.49
C SER D 68 -11.20 11.97 -51.52
N VAL D 69 -11.15 12.39 -50.26
CA VAL D 69 -10.40 11.69 -49.23
C VAL D 69 -11.35 10.80 -48.37
N CYS D 70 -12.47 10.44 -49.00
CA CYS D 70 -13.45 9.46 -48.47
C CYS D 70 -14.48 10.03 -47.49
N GLY D 71 -14.66 11.35 -47.54
CA GLY D 71 -15.72 11.99 -46.77
C GLY D 71 -17.08 11.54 -47.24
N TYR D 72 -17.87 11.01 -46.31
CA TYR D 72 -19.22 10.56 -46.61
C TYR D 72 -20.16 11.76 -46.83
N PHE D 73 -20.72 11.84 -48.03
CA PHE D 73 -21.67 12.88 -48.37
C PHE D 73 -23.08 12.31 -48.46
N HIS D 74 -23.94 12.79 -47.56
CA HIS D 74 -25.28 12.26 -47.37
C HIS D 74 -26.22 12.61 -48.52
N ARG D 75 -26.78 11.58 -49.13
CA ARG D 75 -27.69 11.73 -50.26
C ARG D 75 -29.11 11.34 -49.83
N SER D 76 -29.84 12.31 -49.28
CA SER D 76 -31.20 12.08 -48.80
C SER D 76 -32.03 13.36 -48.86
N HIS D 77 -33.18 13.28 -49.52
CA HIS D 77 -34.13 14.39 -49.58
C HIS D 77 -34.89 14.53 -48.29
N ASN D 78 -35.69 13.51 -47.96
CA ASN D 78 -36.44 13.45 -46.70
C ASN D 78 -35.50 13.38 -45.51
N ARG D 79 -35.89 14.05 -44.42
CA ARG D 79 -35.04 14.20 -43.24
C ARG D 79 -35.37 13.20 -42.14
N SER D 80 -36.55 12.60 -42.23
CA SER D 80 -37.03 11.65 -41.22
C SER D 80 -36.70 10.19 -41.54
N GLU D 81 -35.95 9.98 -42.63
CA GLU D 81 -35.58 8.63 -43.07
C GLU D 81 -34.56 7.99 -42.14
N GLU D 82 -34.80 6.71 -41.81
CA GLU D 82 -33.91 5.94 -40.94
C GLU D 82 -32.81 5.27 -41.74
N PHE D 83 -31.58 5.36 -41.22
CA PHE D 83 -30.40 4.81 -41.89
C PHE D 83 -29.64 3.86 -40.97
N LEU D 84 -29.12 2.78 -41.55
CA LEU D 84 -28.24 1.87 -40.83
C LEU D 84 -26.81 2.37 -40.93
N ILE D 85 -26.29 2.85 -39.79
CA ILE D 85 -24.92 3.34 -39.68
C ILE D 85 -24.04 2.23 -39.12
N ALA D 86 -23.02 1.84 -39.87
CA ALA D 86 -22.05 0.86 -39.44
C ALA D 86 -20.64 1.45 -39.48
N GLY D 87 -20.19 2.00 -38.36
CA GLY D 87 -18.93 2.75 -38.32
C GLY D 87 -17.93 2.31 -37.27
N LYS D 88 -16.76 2.93 -37.31
CA LYS D 88 -15.66 2.66 -36.39
C LYS D 88 -15.60 3.68 -35.27
N LEU D 89 -15.16 3.22 -34.10
CA LEU D 89 -15.01 4.10 -32.94
C LEU D 89 -13.55 4.53 -32.77
N GLN D 90 -13.28 5.80 -33.09
CA GLN D 90 -11.95 6.37 -32.98
C GLN D 90 -11.96 7.43 -31.88
N ASP D 91 -11.04 7.29 -30.93
CA ASP D 91 -11.00 8.15 -29.74
C ASP D 91 -12.22 7.90 -28.89
N GLY D 92 -13.25 8.72 -29.09
CA GLY D 92 -14.54 8.54 -28.44
C GLY D 92 -15.68 8.90 -29.37
N LEU D 93 -15.34 9.15 -30.63
CA LEU D 93 -16.32 9.60 -31.63
C LEU D 93 -16.52 8.56 -32.72
N LEU D 94 -17.78 8.37 -33.12
CA LEU D 94 -18.12 7.45 -34.20
C LEU D 94 -17.70 8.03 -35.54
N HIS D 95 -16.85 7.30 -36.25
CA HIS D 95 -16.33 7.73 -37.55
C HIS D 95 -16.85 6.88 -38.71
N ILE D 96 -17.00 7.54 -39.85
CA ILE D 96 -17.57 6.92 -41.05
C ILE D 96 -16.89 7.47 -42.32
N THR D 97 -16.87 6.67 -43.38
CA THR D 97 -16.33 7.08 -44.68
C THR D 97 -17.28 6.71 -45.82
N THR D 98 -16.92 7.12 -47.04
CA THR D 98 -17.62 6.69 -48.26
C THR D 98 -17.72 5.16 -48.31
N CYS D 99 -16.72 4.50 -47.73
CA CYS D 99 -16.61 3.04 -47.76
C CYS D 99 -17.40 2.34 -46.65
N SER D 100 -17.84 3.10 -45.65
CA SER D 100 -18.66 2.57 -44.56
C SER D 100 -20.05 2.18 -45.07
N PHE D 101 -20.63 1.15 -44.47
CA PHE D 101 -21.97 0.70 -44.84
C PHE D 101 -23.04 1.62 -44.26
N VAL D 102 -23.55 2.51 -45.09
CA VAL D 102 -24.66 3.39 -44.73
C VAL D 102 -25.78 3.24 -45.76
N ALA D 103 -26.91 2.70 -45.32
CA ALA D 103 -28.05 2.46 -46.20
C ALA D 103 -29.37 2.70 -45.47
N PRO D 104 -30.37 3.26 -46.16
CA PRO D 104 -31.69 3.45 -45.55
C PRO D 104 -32.30 2.12 -45.12
N TRP D 105 -32.91 2.11 -43.93
CA TRP D 105 -33.42 0.89 -43.30
C TRP D 105 -34.46 0.15 -44.15
N ASN D 106 -35.40 0.90 -44.73
CA ASN D 106 -36.50 0.32 -45.52
C ASN D 106 -36.06 -0.32 -46.83
N SER D 107 -34.92 0.12 -47.35
CA SER D 107 -34.40 -0.40 -48.62
C SER D 107 -33.73 -1.77 -48.46
N LEU D 108 -33.45 -2.16 -47.22
CA LEU D 108 -32.84 -3.46 -46.93
C LEU D 108 -33.83 -4.60 -47.13
N SER D 109 -33.33 -5.74 -47.58
CA SER D 109 -34.13 -6.94 -47.77
C SER D 109 -34.45 -7.59 -46.42
N LEU D 110 -35.31 -8.61 -46.44
CA LEU D 110 -35.74 -9.30 -45.23
C LEU D 110 -34.59 -10.02 -44.54
N ALA D 111 -33.71 -10.63 -45.35
CA ALA D 111 -32.52 -11.32 -44.83
C ALA D 111 -31.53 -10.35 -44.19
N GLN D 112 -31.41 -9.16 -44.79
CA GLN D 112 -30.52 -8.11 -44.28
C GLN D 112 -31.06 -7.50 -42.99
N ARG D 113 -32.36 -7.19 -42.97
CA ARG D 113 -33.02 -6.63 -41.80
C ARG D 113 -33.11 -7.63 -40.65
N ARG D 114 -33.13 -8.92 -40.99
CA ARG D 114 -33.05 -9.98 -40.00
C ARG D 114 -31.61 -10.25 -39.59
N GLY D 115 -30.69 -9.88 -40.47
CA GLY D 115 -29.25 -10.05 -40.22
C GLY D 115 -28.72 -9.20 -39.07
N PHE D 116 -29.13 -7.94 -39.05
CA PHE D 116 -28.71 -7.02 -37.98
C PHE D 116 -29.43 -7.28 -36.66
N THR D 117 -30.59 -7.94 -36.74
CA THR D 117 -31.38 -8.31 -35.56
C THR D 117 -30.61 -9.31 -34.67
N LYS D 118 -30.02 -10.32 -35.30
CA LYS D 118 -29.23 -11.32 -34.59
C LYS D 118 -28.85 -12.50 -35.45
N THR D 119 -28.10 -12.24 -36.51
CA THR D 119 -27.65 -13.27 -37.45
C THR D 119 -26.18 -13.10 -37.81
N TYR D 120 -25.77 -11.86 -38.05
CA TYR D 120 -24.39 -11.54 -38.45
C TYR D 120 -23.37 -11.77 -37.32
N THR D 121 -23.83 -11.68 -36.07
CA THR D 121 -22.99 -11.94 -34.89
C THR D 121 -22.41 -13.35 -34.93
N VAL D 122 -23.19 -14.28 -35.48
CA VAL D 122 -22.76 -15.67 -35.68
C VAL D 122 -21.66 -15.76 -36.74
N GLY D 123 -21.74 -14.91 -37.75
CA GLY D 123 -20.77 -14.91 -38.86
C GLY D 123 -19.42 -14.30 -38.54
N CYS D 124 -19.27 -13.75 -37.33
CA CYS D 124 -18.01 -13.15 -36.90
C CYS D 124 -17.12 -14.16 -36.20
N CYS E 1 13.75 -4.31 47.89
CA CYS E 1 13.53 -5.55 48.70
C CYS E 1 12.95 -6.67 47.84
N THR E 2 13.51 -7.86 47.99
CA THR E 2 12.99 -9.05 47.30
C THR E 2 12.77 -10.17 48.32
N CYS E 3 11.55 -10.70 48.34
CA CYS E 3 11.18 -11.78 49.25
C CYS E 3 10.63 -12.97 48.49
N VAL E 4 10.91 -14.17 49.00
CA VAL E 4 10.23 -15.36 48.53
C VAL E 4 8.78 -15.28 49.00
N PRO E 5 7.81 -15.49 48.09
CA PRO E 5 6.40 -15.50 48.48
C PRO E 5 6.17 -16.47 49.65
N PRO E 6 5.88 -15.94 50.84
CA PRO E 6 5.83 -16.79 52.02
C PRO E 6 4.49 -17.51 52.14
N HIS E 7 4.54 -18.84 52.05
CA HIS E 7 3.38 -19.68 52.32
C HIS E 7 3.13 -19.69 53.83
N PRO E 8 1.85 -19.83 54.24
CA PRO E 8 1.48 -19.80 55.65
C PRO E 8 2.18 -20.89 56.48
N GLN E 9 2.44 -22.04 55.85
CA GLN E 9 3.09 -23.18 56.50
C GLN E 9 4.52 -22.87 56.94
N THR E 10 5.37 -22.48 55.99
CA THR E 10 6.79 -22.20 56.26
C THR E 10 7.00 -20.95 57.13
N ALA E 11 6.07 -20.00 57.03
CA ALA E 11 6.11 -18.78 57.84
C ALA E 11 5.80 -19.07 59.32
N PHE E 12 4.92 -20.04 59.55
CA PHE E 12 4.54 -20.47 60.89
C PHE E 12 5.73 -21.05 61.66
N CYS E 13 6.53 -21.87 60.97
CA CYS E 13 7.67 -22.54 61.59
C CYS E 13 8.86 -21.61 61.83
N ASN E 14 8.98 -20.57 61.01
CA ASN E 14 10.10 -19.63 61.09
C ASN E 14 9.87 -18.46 62.03
N SER E 15 8.61 -18.03 62.14
CA SER E 15 8.25 -16.91 63.01
C SER E 15 8.29 -17.29 64.48
N ASP E 16 8.71 -16.35 65.31
CA ASP E 16 8.74 -16.53 66.76
C ASP E 16 7.34 -16.37 67.35
N LEU E 17 6.58 -15.45 66.78
CA LEU E 17 5.21 -15.19 67.20
C LEU E 17 4.24 -15.06 66.02
N VAL E 18 3.21 -15.92 66.02
CA VAL E 18 2.10 -15.78 65.08
C VAL E 18 0.84 -15.39 65.86
N ILE E 19 0.25 -14.25 65.50
CA ILE E 19 -0.82 -13.65 66.28
C ILE E 19 -1.97 -13.11 65.42
N ARG E 20 -3.12 -12.88 66.06
CA ARG E 20 -4.24 -12.18 65.44
C ARG E 20 -4.37 -10.80 66.08
N ALA E 21 -4.30 -9.76 65.25
CA ALA E 21 -4.34 -8.38 65.74
C ALA E 21 -4.89 -7.40 64.71
N LYS E 22 -5.52 -6.35 65.16
CA LYS E 22 -6.03 -5.30 64.28
C LYS E 22 -5.15 -4.05 64.35
N PHE E 23 -4.94 -3.42 63.19
CA PHE E 23 -4.03 -2.29 63.06
C PHE E 23 -4.67 -0.96 63.46
N VAL E 24 -3.99 -0.26 64.37
CA VAL E 24 -4.41 1.07 64.81
C VAL E 24 -3.29 2.08 64.49
N GLY E 25 -2.36 1.69 63.64
CA GLY E 25 -2.56 1.71 62.19
C GLY E 25 -2.80 3.07 61.59
N THR E 26 -2.28 4.11 62.21
CA THR E 26 -1.37 5.00 61.53
C THR E 26 -0.04 5.02 62.21
N PRO E 27 0.96 5.50 61.49
CA PRO E 27 2.28 4.87 61.52
C PRO E 27 3.30 5.85 62.03
N GLU E 28 4.12 5.37 62.97
CA GLU E 28 4.96 6.22 63.78
C GLU E 28 6.36 6.14 63.23
N VAL E 29 6.70 7.03 62.32
CA VAL E 29 7.91 6.81 61.53
C VAL E 29 9.20 7.02 62.34
N ASN E 30 9.56 8.29 62.56
CA ASN E 30 10.88 8.67 63.09
C ASN E 30 11.98 8.46 62.05
N GLN E 31 12.36 9.55 61.39
CA GLN E 31 13.32 9.51 60.28
C GLN E 31 14.78 9.62 60.74
N THR E 32 15.05 8.94 61.90
CA THR E 32 16.41 8.90 62.44
C THR E 32 16.92 7.45 62.51
N THR E 33 16.10 6.57 63.08
CA THR E 33 16.47 5.17 63.29
C THR E 33 16.15 4.29 62.08
N LEU E 34 15.36 4.84 61.15
CA LEU E 34 14.92 4.13 59.94
C LEU E 34 13.93 2.99 60.22
N TYR E 35 13.38 2.95 61.43
CA TYR E 35 12.37 1.96 61.82
C TYR E 35 11.05 2.61 62.19
N GLN E 36 9.95 2.05 61.68
CA GLN E 36 8.61 2.51 61.99
C GLN E 36 7.82 1.46 62.78
N ARG E 37 6.70 1.87 63.38
CA ARG E 37 5.89 0.95 64.16
C ARG E 37 4.38 1.14 64.03
N TYR E 38 3.65 0.03 64.04
CA TYR E 38 2.20 0.04 64.04
C TYR E 38 1.69 -0.41 65.40
N GLU E 39 0.77 0.37 65.97
CA GLU E 39 0.12 -0.01 67.21
C GLU E 39 -0.95 -1.05 66.91
N ILE E 40 -0.93 -2.15 67.66
CA ILE E 40 -1.83 -3.27 67.41
C ILE E 40 -2.66 -3.66 68.63
N LYS E 41 -3.88 -4.13 68.38
CA LYS E 41 -4.73 -4.71 69.40
C LYS E 41 -4.68 -6.22 69.27
N MET E 42 -3.81 -6.84 70.07
CA MET E 42 -3.61 -8.29 70.06
C MET E 42 -4.86 -9.01 70.56
N THR E 43 -5.35 -9.96 69.75
CA THR E 43 -6.58 -10.69 70.07
C THR E 43 -6.37 -12.20 70.16
N LYS E 44 -5.57 -12.75 69.24
CA LYS E 44 -5.32 -14.18 69.19
C LYS E 44 -3.85 -14.55 69.31
N MET E 45 -3.59 -15.74 69.84
CA MET E 45 -2.23 -16.24 70.02
C MET E 45 -2.14 -17.71 69.55
N TYR E 46 -1.17 -18.00 68.71
CA TYR E 46 -1.22 -19.24 67.99
C TYR E 46 0.13 -19.82 68.14
N LYS E 47 1.11 -18.97 68.41
CA LYS E 47 2.45 -19.42 68.72
C LYS E 47 3.25 -18.38 69.44
N GLY E 48 4.37 -18.80 70.02
CA GLY E 48 4.73 -18.40 71.38
C GLY E 48 5.16 -19.53 72.31
N PHE E 49 4.48 -19.67 73.44
CA PHE E 49 4.97 -19.18 74.71
C PHE E 49 4.40 -17.84 75.13
N GLN E 50 5.11 -16.77 74.82
CA GLN E 50 6.09 -16.22 75.73
C GLN E 50 7.12 -17.26 76.09
N ALA E 51 6.70 -18.51 76.08
CA ALA E 51 7.39 -19.53 75.30
C ALA E 51 8.35 -18.96 74.28
N LEU E 52 9.63 -18.91 74.63
CA LEU E 52 10.56 -17.97 74.02
C LEU E 52 11.22 -17.03 75.02
N GLY E 53 11.33 -15.77 74.63
CA GLY E 53 10.16 -14.95 74.35
C GLY E 53 9.15 -15.02 75.47
N ASP E 54 9.66 -15.15 76.70
CA ASP E 54 10.54 -14.14 77.26
C ASP E 54 9.92 -12.76 77.20
N ALA E 55 9.31 -12.46 76.05
CA ALA E 55 7.88 -12.62 75.88
C ALA E 55 7.23 -11.27 75.63
N ALA E 56 7.97 -10.38 74.97
CA ALA E 56 8.06 -9.00 75.39
C ALA E 56 6.74 -8.49 75.88
N ASP E 57 6.16 -7.55 75.15
CA ASP E 57 5.06 -6.73 75.66
C ASP E 57 3.89 -6.68 74.67
N ILE E 58 4.17 -7.04 73.42
CA ILE E 58 3.19 -7.13 72.32
C ILE E 58 2.08 -6.05 72.29
N ARG E 59 2.50 -4.79 72.35
CA ARG E 59 1.60 -3.65 72.16
C ARG E 59 1.79 -3.01 70.80
N PHE E 60 2.96 -3.25 70.21
CA PHE E 60 3.34 -2.68 68.92
C PHE E 60 3.98 -3.73 68.01
N VAL E 61 3.98 -3.46 66.72
CA VAL E 61 4.72 -4.27 65.76
C VAL E 61 5.69 -3.38 64.96
N TYR E 62 6.96 -3.77 64.95
CA TYR E 62 8.04 -2.95 64.40
C TYR E 62 8.50 -3.41 63.03
N THR E 63 8.92 -2.46 62.20
CA THR E 63 9.33 -2.72 60.81
C THR E 63 10.14 -1.54 60.27
N PRO E 64 11.09 -1.80 59.34
CA PRO E 64 11.85 -0.69 58.71
C PRO E 64 10.96 0.38 58.08
N ALA E 65 11.46 1.61 58.02
CA ALA E 65 10.69 2.75 57.54
C ALA E 65 10.72 2.88 56.01
N MET E 66 11.77 2.35 55.40
CA MET E 66 11.94 2.45 53.95
C MET E 66 11.45 1.18 53.25
N GLU E 67 10.68 1.38 52.18
CA GLU E 67 10.11 0.28 51.40
C GLU E 67 11.19 -0.54 50.70
N SER E 68 12.27 0.13 50.31
CA SER E 68 13.39 -0.50 49.61
C SER E 68 14.23 -1.41 50.51
N VAL E 69 14.18 -1.15 51.81
CA VAL E 69 14.93 -1.96 52.78
C VAL E 69 13.98 -2.89 53.56
N CYS E 70 12.84 -3.18 52.93
CA CYS E 70 11.85 -4.19 53.39
C CYS E 70 10.90 -3.70 54.47
N GLY E 71 10.59 -2.40 54.44
CA GLY E 71 9.59 -1.83 55.35
C GLY E 71 8.19 -2.27 54.97
N TYR E 72 7.44 -2.79 55.95
CA TYR E 72 6.05 -3.15 55.74
C TYR E 72 5.18 -1.91 55.69
N PHE E 73 4.58 -1.65 54.53
CA PHE E 73 3.64 -0.55 54.36
C PHE E 73 2.21 -1.08 54.31
N HIS E 74 1.44 -0.75 55.35
CA HIS E 74 0.09 -1.27 55.50
C HIS E 74 -0.88 -0.55 54.58
N ARG E 75 -1.50 -1.32 53.69
CA ARG E 75 -2.41 -0.80 52.68
C ARG E 75 -3.88 -0.93 53.10
N SER E 76 -4.13 -1.78 54.10
CA SER E 76 -5.47 -2.02 54.62
C SER E 76 -5.98 -0.84 55.42
N HIS E 77 -7.06 -0.23 54.94
CA HIS E 77 -7.63 0.96 55.57
C HIS E 77 -8.83 0.59 56.44
N ASN E 78 -8.91 1.22 57.60
CA ASN E 78 -9.98 0.95 58.56
C ASN E 78 -9.58 -0.09 59.58
N ARG E 79 -9.35 0.35 60.82
CA ARG E 79 -8.90 -0.53 61.90
C ARG E 79 -9.91 -1.55 62.39
N SER E 80 -11.06 -1.63 61.72
CA SER E 80 -12.09 -2.62 62.05
C SER E 80 -11.90 -3.92 61.29
N GLU E 81 -10.66 -4.36 61.18
CA GLU E 81 -10.31 -5.59 60.45
C GLU E 81 -9.15 -6.31 61.10
N GLU E 82 -9.32 -7.61 61.35
CA GLU E 82 -8.30 -8.43 62.00
C GLU E 82 -7.29 -9.00 61.00
N PHE E 83 -6.01 -8.98 61.39
CA PHE E 83 -4.92 -9.45 60.55
C PHE E 83 -4.09 -10.51 61.24
N LEU E 84 -3.60 -11.48 60.46
CA LEU E 84 -2.70 -12.51 60.95
C LEU E 84 -1.25 -12.03 60.82
N ILE E 85 -0.60 -11.81 61.95
CA ILE E 85 0.78 -11.34 61.97
C ILE E 85 1.74 -12.45 62.37
N ALA E 86 2.59 -12.85 61.42
CA ALA E 86 3.65 -13.82 61.67
C ALA E 86 4.99 -13.10 61.64
N GLY E 87 5.65 -13.00 62.79
CA GLY E 87 6.88 -12.23 62.92
C GLY E 87 7.95 -12.79 63.83
N LYS E 88 9.13 -12.16 63.77
CA LYS E 88 10.29 -12.56 64.55
C LYS E 88 10.40 -11.71 65.82
N LEU E 89 11.00 -12.28 66.86
CA LEU E 89 11.24 -11.54 68.09
C LEU E 89 12.72 -11.11 68.18
N GLN E 90 13.00 -9.91 67.72
CA GLN E 90 14.36 -9.36 67.70
C GLN E 90 14.57 -8.41 68.88
N ASP E 91 15.59 -8.70 69.68
CA ASP E 91 15.90 -7.93 70.88
C ASP E 91 14.89 -8.18 71.99
N GLY E 92 13.74 -7.52 71.88
CA GLY E 92 12.63 -7.72 72.80
C GLY E 92 11.31 -7.26 72.20
N LEU E 93 11.33 -7.04 70.89
CA LEU E 93 10.18 -6.50 70.17
C LEU E 93 9.75 -7.42 69.04
N LEU E 94 8.47 -7.36 68.66
CA LEU E 94 7.96 -8.11 67.52
C LEU E 94 8.26 -7.36 66.22
N HIS E 95 9.04 -7.99 65.35
CA HIS E 95 9.46 -7.39 64.08
C HIS E 95 8.87 -8.11 62.87
N ILE E 96 8.42 -7.33 61.89
CA ILE E 96 7.98 -7.85 60.59
C ILE E 96 8.61 -7.10 59.44
N THR E 97 8.58 -7.70 58.25
CA THR E 97 9.08 -7.06 57.02
C THR E 97 8.07 -7.29 55.90
N THR E 98 8.38 -6.76 54.71
CA THR E 98 7.62 -7.06 53.49
C THR E 98 7.55 -8.58 53.29
N CYS E 99 8.58 -9.27 53.80
CA CYS E 99 8.74 -10.70 53.60
C CYS E 99 7.96 -11.55 54.63
N SER E 100 7.47 -10.91 55.68
CA SER E 100 6.70 -11.60 56.71
C SER E 100 5.27 -11.86 56.26
N PHE E 101 4.71 -13.00 56.66
CA PHE E 101 3.34 -13.33 56.32
C PHE E 101 2.37 -12.49 57.14
N VAL E 102 1.76 -11.52 56.46
CA VAL E 102 0.75 -10.65 57.06
C VAL E 102 -0.44 -10.57 56.12
N ALA E 103 -1.59 -11.03 56.58
CA ALA E 103 -2.81 -11.08 55.77
C ALA E 103 -4.06 -10.96 56.64
N PRO E 104 -5.13 -10.34 56.10
CA PRO E 104 -6.38 -10.25 56.85
C PRO E 104 -7.00 -11.63 57.11
N TRP E 105 -7.39 -11.86 58.37
CA TRP E 105 -7.84 -13.17 58.84
C TRP E 105 -9.01 -13.76 58.04
N ASN E 106 -9.99 -12.92 57.72
CA ASN E 106 -11.20 -13.35 57.02
C ASN E 106 -10.98 -13.79 55.58
N SER E 107 -9.89 -13.31 54.97
CA SER E 107 -9.55 -13.62 53.59
C SER E 107 -8.87 -14.98 53.43
N LEU E 108 -8.47 -15.57 54.57
CA LEU E 108 -7.86 -16.90 54.60
C LEU E 108 -8.91 -17.97 54.35
N SER E 109 -8.48 -19.09 53.76
CA SER E 109 -9.37 -20.22 53.47
C SER E 109 -9.54 -21.13 54.69
N LEU E 110 -10.34 -22.19 54.53
CA LEU E 110 -10.55 -23.18 55.58
C LEU E 110 -9.25 -23.83 56.05
N ALA E 111 -8.47 -24.32 55.09
CA ALA E 111 -7.22 -25.04 55.37
C ALA E 111 -6.17 -24.14 56.04
N GLN E 112 -6.15 -22.87 55.63
CA GLN E 112 -5.24 -21.89 56.22
C GLN E 112 -5.63 -21.53 57.65
N ARG E 113 -6.92 -21.25 57.85
CA ARG E 113 -7.45 -20.92 59.19
C ARG E 113 -7.41 -22.13 60.12
N ARG E 114 -7.60 -23.32 59.56
CA ARG E 114 -7.43 -24.58 60.29
C ARG E 114 -5.96 -24.88 60.54
N GLY E 115 -5.09 -24.30 59.69
CA GLY E 115 -3.65 -24.47 59.81
C GLY E 115 -3.04 -23.78 61.02
N PHE E 116 -3.41 -22.53 61.24
CA PHE E 116 -2.88 -21.74 62.36
C PHE E 116 -3.43 -22.19 63.71
N THR E 117 -4.66 -22.72 63.71
CA THR E 117 -5.30 -23.22 64.92
C THR E 117 -4.57 -24.42 65.53
N LYS E 118 -4.15 -25.35 64.68
CA LYS E 118 -3.41 -26.53 65.11
C LYS E 118 -3.25 -27.57 64.02
N THR E 119 -2.52 -27.20 62.97
CA THR E 119 -2.24 -28.10 61.85
C THR E 119 -0.80 -27.89 61.36
N TYR E 120 -0.36 -26.64 61.33
CA TYR E 120 1.00 -26.30 60.90
C TYR E 120 2.06 -26.74 61.92
N THR E 121 1.68 -26.83 63.19
CA THR E 121 2.60 -27.24 64.25
C THR E 121 2.82 -28.75 64.26
N VAL E 122 3.09 -29.31 63.09
CA VAL E 122 3.32 -30.75 62.94
C VAL E 122 4.66 -31.02 62.25
N GLY E 123 4.91 -30.33 61.14
CA GLY E 123 6.14 -30.53 60.37
C GLY E 123 6.95 -29.25 60.19
N CYS E 124 7.85 -28.99 61.14
CA CYS E 124 8.74 -27.84 61.07
C CYS E 124 10.21 -28.27 61.05
N CYS F 1 2.08 0.82 -2.08
CA CYS F 1 1.84 -0.32 -1.16
C CYS F 1 1.14 -1.46 -1.88
N THR F 2 1.74 -2.65 -1.82
CA THR F 2 1.13 -3.87 -2.37
C THR F 2 0.84 -4.85 -1.25
N CYS F 3 -0.41 -5.33 -1.20
CA CYS F 3 -0.84 -6.27 -0.17
C CYS F 3 -1.46 -7.52 -0.77
N VAL F 4 -1.21 -8.66 -0.14
CA VAL F 4 -2.03 -9.84 -0.35
C VAL F 4 -3.17 -9.78 0.68
N PRO F 5 -4.43 -9.74 0.20
CA PRO F 5 -5.57 -9.62 1.11
C PRO F 5 -5.65 -10.82 2.05
N PRO F 6 -5.58 -10.55 3.38
CA PRO F 6 -5.49 -11.63 4.36
C PRO F 6 -6.82 -12.36 4.58
N HIS F 7 -6.74 -13.66 4.84
CA HIS F 7 -7.89 -14.47 5.21
C HIS F 7 -8.29 -14.13 6.64
N PRO F 8 -9.61 -14.00 6.91
CA PRO F 8 -10.13 -13.62 8.23
C PRO F 8 -9.57 -14.44 9.40
N GLN F 9 -9.34 -15.74 9.16
CA GLN F 9 -8.73 -16.62 10.16
C GLN F 9 -7.30 -16.20 10.48
N THR F 10 -6.49 -16.00 9.45
CA THR F 10 -5.08 -15.62 9.59
C THR F 10 -4.93 -14.20 10.13
N ALA F 11 -5.84 -13.31 9.73
CA ALA F 11 -5.84 -11.92 10.20
C ALA F 11 -6.16 -11.82 11.69
N PHE F 12 -7.00 -12.74 12.17
CA PHE F 12 -7.37 -12.81 13.59
C PHE F 12 -6.15 -13.12 14.46
N CYS F 13 -5.43 -14.18 14.10
CA CYS F 13 -4.28 -14.64 14.88
C CYS F 13 -3.11 -13.65 14.89
N ASN F 14 -2.91 -12.97 13.77
CA ASN F 14 -1.82 -12.01 13.62
C ASN F 14 -2.08 -10.67 14.31
N SER F 15 -3.36 -10.30 14.38
CA SER F 15 -3.77 -9.01 14.96
C SER F 15 -3.85 -9.06 16.49
N ASP F 16 -3.48 -7.94 17.12
CA ASP F 16 -3.59 -7.81 18.57
C ASP F 16 -5.03 -7.53 19.00
N LEU F 17 -5.76 -6.79 18.15
CA LEU F 17 -7.16 -6.46 18.42
C LEU F 17 -8.02 -6.61 17.17
N VAL F 18 -9.17 -7.26 17.33
CA VAL F 18 -10.18 -7.32 16.26
C VAL F 18 -11.52 -6.81 16.78
N ILE F 19 -12.06 -5.78 16.11
CA ILE F 19 -13.24 -5.06 16.59
C ILE F 19 -14.23 -4.72 15.47
N ARG F 20 -15.49 -4.52 15.85
CA ARG F 20 -16.47 -3.92 14.94
C ARG F 20 -16.71 -2.47 15.38
N ALA F 21 -16.60 -1.55 14.43
CA ALA F 21 -16.70 -0.11 14.73
C ALA F 21 -17.17 0.72 13.54
N LYS F 22 -17.76 1.87 13.84
CA LYS F 22 -18.18 2.82 12.82
C LYS F 22 -17.23 4.01 12.76
N PHE F 23 -16.86 4.40 11.55
CA PHE F 23 -15.95 5.52 11.33
C PHE F 23 -16.70 6.85 11.43
N VAL F 24 -16.15 7.78 12.20
CA VAL F 24 -16.83 9.05 12.50
C VAL F 24 -16.88 10.01 11.31
N GLY F 25 -15.73 10.30 10.72
CA GLY F 25 -15.65 11.22 9.59
C GLY F 25 -14.28 11.29 8.94
N THR F 26 -13.92 12.47 8.46
CA THR F 26 -12.63 12.71 7.80
C THR F 26 -11.46 12.48 8.77
N PRO F 27 -10.35 11.90 8.25
CA PRO F 27 -9.20 11.60 9.10
C PRO F 27 -8.43 12.84 9.57
N GLU F 28 -7.85 12.76 10.76
CA GLU F 28 -7.02 13.83 11.31
C GLU F 28 -5.57 13.60 10.91
N VAL F 29 -4.99 14.57 10.21
CA VAL F 29 -3.66 14.43 9.63
C VAL F 29 -2.63 15.35 10.32
N ASN F 30 -1.55 14.74 10.80
CA ASN F 30 -0.44 15.47 11.39
C ASN F 30 0.78 15.44 10.45
N GLN F 31 0.93 16.51 9.67
CA GLN F 31 2.03 16.63 8.70
C GLN F 31 3.35 16.93 9.42
N THR F 32 3.81 15.96 10.22
CA THR F 32 5.03 16.08 11.01
C THR F 32 5.58 14.68 11.27
N THR F 33 4.68 13.78 11.64
CA THR F 33 5.00 12.37 11.88
C THR F 33 4.58 11.54 10.65
N LEU F 34 3.84 12.18 9.75
CA LEU F 34 3.29 11.54 8.55
C LEU F 34 2.37 10.36 8.90
N TYR F 35 1.66 10.50 10.02
CA TYR F 35 0.65 9.55 10.45
C TYR F 35 -0.70 10.24 10.55
N GLN F 36 -1.76 9.49 10.30
CA GLN F 36 -3.13 9.99 10.44
C GLN F 36 -3.96 9.06 11.34
N ARG F 37 -5.13 9.53 11.74
CA ARG F 37 -6.04 8.72 12.55
C ARG F 37 -7.50 8.94 12.20
N TYR F 38 -8.26 7.85 12.23
CA TYR F 38 -9.70 7.90 12.04
C TYR F 38 -10.37 7.70 13.38
N GLU F 39 -11.27 8.61 13.75
CA GLU F 39 -12.04 8.47 14.97
C GLU F 39 -13.11 7.40 14.75
N ILE F 40 -13.17 6.44 15.67
CA ILE F 40 -14.10 5.32 15.56
C ILE F 40 -14.98 5.16 16.78
N LYS F 41 -16.25 4.82 16.55
CA LYS F 41 -17.16 4.45 17.62
C LYS F 41 -17.22 2.94 17.69
N MET F 42 -16.57 2.37 18.71
CA MET F 42 -16.51 0.92 18.90
C MET F 42 -17.86 0.36 19.36
N THR F 43 -18.26 -0.76 18.76
CA THR F 43 -19.53 -1.41 19.08
C THR F 43 -19.33 -2.69 19.88
N LYS F 44 -18.48 -3.59 19.35
CA LYS F 44 -18.18 -4.86 20.02
C LYS F 44 -16.73 -5.27 19.80
N MET F 45 -16.17 -5.99 20.77
CA MET F 45 -14.79 -6.45 20.71
C MET F 45 -14.72 -7.98 20.73
N TYR F 46 -13.95 -8.51 19.78
CA TYR F 46 -13.81 -9.94 19.60
C TYR F 46 -12.45 -10.36 19.99
N LYS F 47 -11.56 -9.41 20.24
CA LYS F 47 -10.24 -9.74 20.72
C LYS F 47 -9.49 -8.53 21.22
N GLY F 48 -9.05 -8.53 22.47
CA GLY F 48 -8.45 -7.35 23.05
C GLY F 48 -8.20 -7.35 24.54
N PHE F 49 -9.23 -7.01 25.31
CA PHE F 49 -9.98 -7.91 26.15
C PHE F 49 -9.14 -9.12 26.51
N GLN F 50 -8.02 -8.86 27.15
CA GLN F 50 -7.10 -9.92 27.53
C GLN F 50 -5.67 -9.43 27.66
N ALA F 51 -5.52 -8.17 28.01
CA ALA F 51 -5.44 -7.10 27.03
C ALA F 51 -4.07 -7.07 26.39
N LEU F 52 -3.31 -8.16 26.56
CA LEU F 52 -1.87 -8.09 26.59
C LEU F 52 -1.26 -7.33 25.43
N GLY F 53 -0.09 -6.77 25.66
CA GLY F 53 0.07 -5.79 26.71
C GLY F 53 -1.27 -5.11 26.96
N ASP F 54 -1.24 -3.94 27.56
CA ASP F 54 -1.92 -2.79 26.99
C ASP F 54 -3.38 -2.75 27.40
N ALA F 55 -4.26 -2.60 26.42
CA ALA F 55 -4.19 -1.46 25.51
C ALA F 55 -5.52 -1.22 24.84
N ALA F 56 -5.73 -0.02 24.32
CA ALA F 56 -6.51 0.97 25.04
C ALA F 56 -7.41 1.81 24.14
N ASP F 57 -7.28 3.15 24.23
CA ASP F 57 -8.28 4.04 23.71
C ASP F 57 -9.69 3.55 23.94
N ILE F 58 -10.12 2.59 23.12
CA ILE F 58 -9.91 2.68 21.68
C ILE F 58 -11.02 3.47 21.00
N ARG F 59 -10.72 4.71 20.66
CA ARG F 59 -11.58 5.47 19.76
C ARG F 59 -10.79 6.21 18.67
N PHE F 60 -9.51 6.07 18.56
CA PHE F 60 -8.86 6.31 17.27
C PHE F 60 -8.17 5.07 16.74
N VAL F 61 -8.18 4.89 15.44
CA VAL F 61 -7.40 3.88 14.72
C VAL F 61 -6.31 4.59 13.90
N TYR F 62 -5.07 4.18 14.10
CA TYR F 62 -3.92 4.86 13.52
C TYR F 62 -3.39 4.16 12.28
N THR F 63 -2.87 4.95 11.34
CA THR F 63 -2.40 4.46 10.05
C THR F 63 -1.48 5.53 9.44
N PRO F 64 -0.52 5.14 8.58
CA PRO F 64 0.30 6.14 7.89
C PRO F 64 -0.55 7.13 7.09
N ALA F 65 -0.01 8.31 6.84
CA ALA F 65 -0.75 9.36 6.12
C ALA F 65 -0.80 9.10 4.62
N MET F 66 0.33 8.68 4.06
CA MET F 66 0.45 8.44 2.62
C MET F 66 0.07 7.01 2.24
N GLU F 67 -0.81 6.89 1.24
CA GLU F 67 -1.22 5.59 0.70
C GLU F 67 -0.04 4.77 0.21
N SER F 68 0.95 5.44 -0.37
CA SER F 68 2.13 4.78 -0.96
C SER F 68 2.89 3.89 0.03
N VAL F 69 2.95 4.35 1.28
CA VAL F 69 3.66 3.63 2.34
C VAL F 69 2.66 2.90 3.26
N CYS F 70 1.53 2.51 2.67
CA CYS F 70 0.51 1.66 3.29
C CYS F 70 -0.44 2.38 4.25
N GLY F 71 -0.64 3.67 4.01
CA GLY F 71 -1.65 4.43 4.72
C GLY F 71 -3.03 4.03 4.27
N TYR F 72 -3.86 3.63 5.23
CA TYR F 72 -5.23 3.22 4.96
C TYR F 72 -6.11 4.40 4.56
N PHE F 73 -6.89 4.21 3.49
CA PHE F 73 -7.85 5.20 3.04
C PHE F 73 -9.27 4.64 3.16
N HIS F 74 -10.12 5.38 3.86
CA HIS F 74 -11.51 4.98 4.06
C HIS F 74 -12.42 5.65 3.04
N ARG F 75 -13.16 4.85 2.29
CA ARG F 75 -14.02 5.35 1.21
C ARG F 75 -15.46 5.58 1.67
N SER F 76 -15.97 4.68 2.52
CA SER F 76 -17.37 4.68 2.99
C SER F 76 -18.01 6.07 3.05
N HIS F 77 -19.08 6.24 2.27
CA HIS F 77 -19.85 7.49 2.24
C HIS F 77 -20.67 7.67 3.51
N ASN F 78 -21.46 6.65 3.84
CA ASN F 78 -22.27 6.66 5.06
C ASN F 78 -21.44 6.25 6.26
N ARG F 79 -21.51 7.06 7.32
CA ARG F 79 -20.76 6.82 8.55
C ARG F 79 -21.48 5.85 9.51
N SER F 80 -22.69 5.43 9.11
CA SER F 80 -23.49 4.50 9.89
C SER F 80 -22.99 3.05 9.76
N GLU F 81 -22.29 2.78 8.66
CA GLU F 81 -21.85 1.43 8.32
C GLU F 81 -20.80 0.88 9.29
N GLU F 82 -21.05 -0.33 9.80
CA GLU F 82 -20.13 -1.00 10.70
C GLU F 82 -19.03 -1.72 9.94
N PHE F 83 -17.80 -1.56 10.40
CA PHE F 83 -16.63 -2.18 9.79
C PHE F 83 -15.92 -3.10 10.77
N LEU F 84 -15.43 -4.23 10.26
CA LEU F 84 -14.57 -5.11 11.04
C LEU F 84 -13.14 -4.61 10.90
N ILE F 85 -12.51 -4.33 12.04
CA ILE F 85 -11.14 -3.83 12.07
C ILE F 85 -10.22 -4.84 12.75
N ALA F 86 -9.21 -5.30 12.02
CA ALA F 86 -8.21 -6.22 12.55
C ALA F 86 -6.82 -5.58 12.45
N GLY F 87 -6.19 -5.33 13.59
CA GLY F 87 -4.92 -4.60 13.62
C GLY F 87 -3.98 -4.85 14.77
N LYS F 88 -2.80 -4.22 14.68
CA LYS F 88 -1.72 -4.40 15.64
C LYS F 88 -1.73 -3.32 16.71
N LEU F 89 -1.28 -3.69 17.91
CA LEU F 89 -1.12 -2.74 19.00
C LEU F 89 0.34 -2.27 19.06
N GLN F 90 0.53 -0.97 18.88
CA GLN F 90 1.85 -0.36 18.91
C GLN F 90 1.87 0.78 19.93
N ASP F 91 2.74 0.66 20.93
CA ASP F 91 2.76 1.59 22.06
C ASP F 91 1.57 1.32 22.97
N GLY F 92 0.43 1.88 22.59
CA GLY F 92 -0.84 1.64 23.28
C GLY F 92 -2.02 1.96 22.38
N LEU F 93 -1.73 2.24 21.12
CA LEU F 93 -2.73 2.67 20.14
C LEU F 93 -2.92 1.63 19.05
N LEU F 94 -4.14 1.56 18.51
CA LEU F 94 -4.47 0.59 17.46
C LEU F 94 -3.94 1.04 16.09
N HIS F 95 -3.10 0.21 15.49
CA HIS F 95 -2.51 0.50 14.19
C HIS F 95 -3.02 -0.38 13.05
N ILE F 96 -3.26 0.27 11.92
CA ILE F 96 -3.82 -0.37 10.73
C ILE F 96 -3.02 0.04 9.49
N THR F 97 -3.03 -0.83 8.47
CA THR F 97 -2.47 -0.49 7.17
C THR F 97 -3.47 -0.82 6.07
N THR F 98 -3.09 -0.53 4.82
CA THR F 98 -3.85 -0.93 3.64
C THR F 98 -3.96 -2.46 3.57
N CYS F 99 -2.99 -3.15 4.16
CA CYS F 99 -2.94 -4.61 4.14
C CYS F 99 -3.74 -5.27 5.27
N SER F 100 -4.02 -4.51 6.33
CA SER F 100 -4.85 -4.98 7.44
C SER F 100 -6.26 -5.32 6.95
N PHE F 101 -6.85 -6.36 7.53
CA PHE F 101 -8.21 -6.76 7.19
C PHE F 101 -9.23 -5.76 7.72
N VAL F 102 -9.72 -4.91 6.82
CA VAL F 102 -10.79 -3.97 7.15
C VAL F 102 -11.93 -4.15 6.14
N ALA F 103 -13.01 -4.78 6.58
CA ALA F 103 -14.15 -5.08 5.72
C ALA F 103 -15.46 -4.74 6.42
N PRO F 104 -16.47 -4.27 5.67
CA PRO F 104 -17.79 -3.98 6.25
C PRO F 104 -18.39 -5.23 6.90
N TRP F 105 -19.07 -5.04 8.04
CA TRP F 105 -19.65 -6.15 8.79
C TRP F 105 -20.70 -6.93 7.98
N ASN F 106 -21.52 -6.20 7.22
CA ASN F 106 -22.58 -6.80 6.40
C ASN F 106 -22.06 -7.53 5.16
N SER F 107 -20.83 -7.22 4.75
CA SER F 107 -20.21 -7.86 3.59
C SER F 107 -19.63 -9.25 3.92
N LEU F 108 -19.50 -9.54 5.21
CA LEU F 108 -19.01 -10.84 5.68
C LEU F 108 -20.02 -11.95 5.38
N SER F 109 -19.53 -13.05 4.82
CA SER F 109 -20.36 -14.16 4.37
C SER F 109 -20.85 -15.04 5.53
N LEU F 110 -21.38 -16.21 5.18
CA LEU F 110 -21.83 -17.20 6.15
C LEU F 110 -20.68 -17.73 7.01
N ALA F 111 -20.96 -17.93 8.30
CA ALA F 111 -19.98 -18.42 9.28
C ALA F 111 -18.74 -17.53 9.44
N GLN F 112 -18.66 -16.49 8.61
CA GLN F 112 -17.59 -15.50 8.69
C GLN F 112 -17.82 -14.59 9.89
N ARG F 113 -19.06 -14.15 10.06
CA ARG F 113 -19.47 -13.36 11.23
C ARG F 113 -19.34 -14.20 12.50
N ARG F 114 -19.82 -15.45 12.43
CA ARG F 114 -19.70 -16.40 13.53
C ARG F 114 -18.26 -16.85 13.75
N GLY F 115 -17.40 -16.58 12.77
CA GLY F 115 -15.97 -16.86 12.87
C GLY F 115 -15.29 -16.01 13.92
N PHE F 116 -15.56 -14.71 13.87
CA PHE F 116 -14.99 -13.76 14.82
C PHE F 116 -15.62 -13.87 16.21
N THR F 117 -16.82 -14.45 16.28
CA THR F 117 -17.54 -14.62 17.55
C THR F 117 -16.84 -15.61 18.48
N LYS F 118 -16.50 -16.79 17.96
CA LYS F 118 -15.84 -17.82 18.76
C LYS F 118 -15.21 -18.97 17.99
N THR F 119 -15.14 -18.85 16.67
CA THR F 119 -14.55 -19.89 15.82
C THR F 119 -13.04 -19.69 15.66
N TYR F 120 -12.62 -18.43 15.48
CA TYR F 120 -11.21 -18.11 15.28
C TYR F 120 -10.40 -18.08 16.58
N THR F 121 -11.10 -18.06 17.71
CA THR F 121 -10.48 -17.97 19.04
C THR F 121 -9.66 -19.21 19.39
N VAL F 122 -9.85 -20.29 18.64
CA VAL F 122 -9.13 -21.56 18.86
C VAL F 122 -7.63 -21.43 18.59
N GLY F 123 -6.87 -22.45 19.02
CA GLY F 123 -5.41 -22.46 18.89
C GLY F 123 -4.92 -22.32 17.47
N CYS F 124 -4.24 -21.21 17.21
CA CYS F 124 -3.70 -20.89 15.88
C CYS F 124 -2.46 -21.73 15.57
#